data_8EXO
#
_entry.id   8EXO
#
_cell.length_a   58.480
_cell.length_b   133.879
_cell.length_c   141.288
_cell.angle_alpha   90.000
_cell.angle_beta   90.000
_cell.angle_gamma   90.000
#
_symmetry.space_group_name_H-M   'P 21 21 21'
#
loop_
_entity.id
_entity.type
_entity.pdbx_description
1 polymer 'Phosphatidylinositol 4,5-bisphosphate 3-kinase catalytic subunit alpha isoform'
2 non-polymer 1-{(4S,11aM)-2-[(4R)-2-oxo-4-(propan-2-yl)-1,3-oxazolidin-3-yl]-5,6-dihydroimidazo[1,2-d][1,4]benzoxazepin-9-yl}-L-prolinamide
3 water water
#
_entity_poly.entity_id   1
_entity_poly.type   'polypeptide(L)'
_entity_poly.pdbx_seq_one_letter_code
;MSYYHHHHHHDYDIPTTENLYFQGAMGSGELWGIHLMPPRILVECLLPNGMIVTLECLREATLITIKHELFKEARKYPLH
QLLQDESSYIFVSVTQEAEREEFFDETRRLCDLRLFQPFLKVIEPVENLYFQGGNREEKILNREIGFAIGMPVCEFDMVK
DPEVQDFRRNILNVCKEAVDLRDLNSPHSRAMYVYPPNVESSPELPKHIYNKLDKGQIIVVIWVIVSPNNDKQKYTLKIN
HDCVPEQVIAEAIRKKTRSMLLSSEQLKLCVLEYQGKYILKVCGCDEYFLEKYPLSQYKYIRSCIMLGRMPNLMLMAKES
LYSQLPMDCFTMPSYSRRISTATPYMNGETSTKSLWVINSALRIKILCATYVNVNIRDIDKIYVRTGIYHGGEPLCDNVN
TQRVPCSNPRWNEWLNYDIYIPDLPRAARLCLSICSVKGRKGAKEEHCPLAWGNINLFDYTDTLVSGKMALNLWPVPHGL
EDLLNPIGVTGSNPNKETPCLELEFDWFSSVVKFPDMSVIEEHANWSVSREAGFSYSHAGLSNRLARDNELRENDKEQLK
AISTRDPLSEITEQEKDFLWSHRHYCVTIPEILPKLLLSVKWNSRDEVAQMYCLVKDWPPIKPEQAMELLDCNYPDPMVR
GFAVRCLEKYLTDDKLSQYLIQLVQVLKYEQYLDNLLVRFLLKKALTNQRIGHFFFWHLKSEMHNKTVSQRFGLLLESYC
RACGMYLKHLNRQVEAMEKLINLTDILKQEKKDETQKVQMKFLVEQMRRPDFMDALQGFLSPLNPAHQLGNLRLEECRIM
SSAKRPLWLNWENPDIMSELLFQNNEIIFKNGDDLRQDMLTLQIIRIMENIWQNQGLDLRMLPYGCLSIGDCVGLIEVVR
NSHTIMQIQCKGGLKGALQFNSHTLHQWLKDKNKGEIYDAAIDLFTRSCAGYCVATFILGIGDRHNSNIMVKDDGQLFHI
DFGHFLDHKKKKFGYKRERVPFVLTQDFLIVISKGAQECTKTREFERFQEMCYKAYLAIRQHANLFINLFSMMLGSGMPE
LQSFDDIAYIRKTLALDKTEQEALEYFMKQMNDAHHGGWT
;
_entity_poly.pdbx_strand_id   A
#
loop_
_chem_comp.id
_chem_comp.type
_chem_comp.name
_chem_comp.formula
X3W non-polymer 1-{(4S,11aM)-2-[(4R)-2-oxo-4-(propan-2-yl)-1,3-oxazolidin-3-yl]-5,6-dihydroimidazo[1,2-d][1,4]benzoxazepin-9-yl}-L-prolinamide 'C22 H27 N5 O4'
#
# COMPACT_ATOMS: atom_id res chain seq x y z
N ASN A 135 33.21 -13.89 -15.61
CA ASN A 135 32.09 -14.54 -14.95
C ASN A 135 32.17 -14.43 -13.43
N ARG A 136 33.41 -14.27 -12.86
CA ARG A 136 33.65 -14.15 -11.42
C ARG A 136 32.80 -13.05 -10.77
N GLU A 137 32.63 -11.91 -11.48
CA GLU A 137 31.80 -10.79 -11.03
C GLU A 137 30.32 -11.22 -10.97
N GLU A 138 29.82 -11.90 -12.03
CA GLU A 138 28.45 -12.39 -12.14
C GLU A 138 28.09 -13.37 -10.99
N LYS A 139 28.97 -14.35 -10.73
CA LYS A 139 28.82 -15.37 -9.69
C LYS A 139 28.65 -14.73 -8.31
N ILE A 140 29.53 -13.76 -7.98
CA ILE A 140 29.57 -13.01 -6.72
C ILE A 140 28.32 -12.16 -6.56
N LEU A 141 27.93 -11.42 -7.62
CA LEU A 141 26.73 -10.60 -7.62
C LEU A 141 25.50 -11.50 -7.39
N ASN A 142 25.47 -12.71 -8.02
CA ASN A 142 24.38 -13.69 -7.83
C ASN A 142 24.29 -14.20 -6.39
N ARG A 143 25.44 -14.23 -5.67
CA ARG A 143 25.48 -14.62 -4.25
C ARG A 143 24.83 -13.50 -3.42
N GLU A 144 25.10 -12.22 -3.77
CA GLU A 144 24.57 -11.00 -3.16
C GLU A 144 23.06 -10.89 -3.34
N ILE A 145 22.56 -11.15 -4.56
CA ILE A 145 21.14 -11.08 -4.90
C ILE A 145 20.38 -12.22 -4.17
N GLY A 146 20.97 -13.41 -4.16
CA GLY A 146 20.40 -14.57 -3.47
C GLY A 146 20.24 -14.30 -1.99
N PHE A 147 21.26 -13.69 -1.34
CA PHE A 147 21.23 -13.31 0.07
C PHE A 147 20.11 -12.29 0.35
N ALA A 148 19.93 -11.31 -0.53
CA ALA A 148 18.89 -10.28 -0.42
C ALA A 148 17.48 -10.88 -0.52
N ILE A 149 17.23 -11.71 -1.56
CA ILE A 149 15.92 -12.30 -1.82
C ILE A 149 15.56 -13.41 -0.82
N GLY A 150 16.56 -14.09 -0.27
CA GLY A 150 16.37 -15.19 0.67
C GLY A 150 16.22 -16.53 -0.02
N MET A 151 16.59 -16.60 -1.30
CA MET A 151 16.56 -17.81 -2.14
C MET A 151 17.64 -17.73 -3.24
N PRO A 152 18.24 -18.87 -3.67
CA PRO A 152 19.27 -18.78 -4.72
C PRO A 152 18.74 -18.48 -6.12
N VAL A 153 19.47 -17.62 -6.84
CA VAL A 153 19.21 -17.17 -8.21
C VAL A 153 19.17 -18.35 -9.21
N CYS A 154 20.00 -19.40 -8.95
CA CYS A 154 20.06 -20.61 -9.77
C CYS A 154 18.71 -21.33 -9.86
N GLU A 155 17.86 -21.20 -8.81
CA GLU A 155 16.51 -21.77 -8.78
C GLU A 155 15.63 -21.16 -9.88
N PHE A 156 15.84 -19.86 -10.18
CA PHE A 156 15.14 -19.14 -11.25
C PHE A 156 15.56 -19.69 -12.59
N ASP A 157 16.88 -19.87 -12.80
CA ASP A 157 17.46 -20.42 -14.03
C ASP A 157 16.90 -21.80 -14.40
N MET A 158 16.51 -22.60 -13.39
CA MET A 158 15.95 -23.95 -13.53
C MET A 158 14.46 -23.95 -13.94
N VAL A 159 13.71 -22.84 -13.68
CA VAL A 159 12.29 -22.72 -14.04
C VAL A 159 12.11 -22.86 -15.55
N LYS A 160 11.44 -23.93 -15.96
CA LYS A 160 11.18 -24.29 -17.35
C LYS A 160 10.22 -23.32 -18.06
N ASP A 161 9.20 -22.82 -17.34
CA ASP A 161 8.15 -21.92 -17.81
C ASP A 161 8.70 -20.75 -18.67
N PRO A 162 8.35 -20.71 -19.99
CA PRO A 162 8.86 -19.62 -20.85
C PRO A 162 8.48 -18.22 -20.37
N GLU A 163 7.30 -18.05 -19.77
CA GLU A 163 6.87 -16.75 -19.25
C GLU A 163 7.90 -16.17 -18.27
N VAL A 164 8.42 -17.04 -17.38
CA VAL A 164 9.39 -16.70 -16.34
C VAL A 164 10.71 -16.21 -16.99
N GLN A 165 11.25 -17.02 -17.93
CA GLN A 165 12.49 -16.70 -18.62
C GLN A 165 12.38 -15.45 -19.49
N ASP A 166 11.21 -15.23 -20.10
CA ASP A 166 10.92 -14.03 -20.87
C ASP A 166 10.84 -12.82 -19.94
N PHE A 167 10.22 -12.94 -18.75
CA PHE A 167 10.17 -11.85 -17.77
C PHE A 167 11.61 -11.44 -17.41
N ARG A 168 12.45 -12.41 -16.98
CA ARG A 168 13.85 -12.23 -16.60
C ARG A 168 14.66 -11.47 -17.66
N ARG A 169 14.49 -11.86 -18.91
CA ARG A 169 15.14 -11.23 -20.06
C ARG A 169 14.57 -9.85 -20.38
N ASN A 170 13.27 -9.75 -20.68
CA ASN A 170 12.56 -8.55 -21.12
C ASN A 170 12.44 -7.43 -20.10
N ILE A 171 12.49 -7.74 -18.81
CA ILE A 171 12.36 -6.69 -17.81
C ILE A 171 13.64 -5.82 -17.76
N LEU A 172 14.77 -6.36 -18.29
CA LEU A 172 16.09 -5.72 -18.26
C LEU A 172 16.15 -4.41 -18.99
N ASN A 173 15.17 -4.06 -19.85
CA ASN A 173 15.18 -2.78 -20.52
C ASN A 173 14.72 -1.66 -19.59
N VAL A 174 13.87 -2.01 -18.58
CA VAL A 174 13.44 -1.07 -17.55
C VAL A 174 14.69 -0.75 -16.71
N CYS A 175 15.52 -1.80 -16.42
CA CYS A 175 16.77 -1.73 -15.68
C CYS A 175 17.75 -0.78 -16.38
N LYS A 176 17.96 -0.99 -17.69
CA LYS A 176 18.82 -0.19 -18.56
C LYS A 176 18.34 1.27 -18.58
N GLU A 177 17.03 1.50 -18.85
CA GLU A 177 16.42 2.85 -18.90
C GLU A 177 16.65 3.66 -17.63
N ALA A 178 16.45 3.04 -16.46
CA ALA A 178 16.62 3.63 -15.15
C ALA A 178 18.06 3.99 -14.88
N VAL A 179 19.00 3.08 -15.21
CA VAL A 179 20.45 3.27 -15.10
C VAL A 179 20.90 4.42 -16.04
N ASP A 180 20.30 4.51 -17.25
CA ASP A 180 20.59 5.61 -18.19
C ASP A 180 20.16 6.98 -17.62
N LEU A 181 18.96 7.06 -16.97
CA LEU A 181 18.44 8.28 -16.32
C LEU A 181 19.34 8.75 -15.17
N ARG A 182 19.99 7.81 -14.47
CA ARG A 182 20.92 8.06 -13.36
C ARG A 182 22.29 8.56 -13.83
N ASP A 183 22.78 8.11 -15.00
CA ASP A 183 24.08 8.58 -15.45
C ASP A 183 23.92 9.69 -16.52
N LEU A 184 22.71 10.28 -16.58
CA LEU A 184 22.39 11.36 -17.53
C LEU A 184 23.11 12.68 -17.21
N ASN A 185 23.08 13.11 -15.93
CA ASN A 185 23.72 14.34 -15.47
C ASN A 185 24.54 14.05 -14.17
N SER A 186 25.44 13.05 -14.26
CA SER A 186 26.31 12.57 -13.19
C SER A 186 27.35 13.64 -12.83
N PRO A 187 27.70 13.87 -11.54
CA PRO A 187 27.27 13.16 -10.31
C PRO A 187 25.90 13.54 -9.77
N HIS A 188 25.42 14.77 -10.07
CA HIS A 188 24.14 15.29 -9.58
C HIS A 188 22.96 14.30 -9.72
N SER A 189 22.77 13.71 -10.91
CA SER A 189 21.69 12.74 -11.20
C SER A 189 21.80 11.46 -10.37
N ARG A 190 23.03 11.07 -9.99
CA ARG A 190 23.30 9.91 -9.16
C ARG A 190 22.96 10.27 -7.70
N ALA A 191 23.36 11.50 -7.25
CA ALA A 191 23.06 12.03 -5.92
C ALA A 191 21.52 12.15 -5.72
N MET A 192 20.78 12.56 -6.76
CA MET A 192 19.31 12.68 -6.78
C MET A 192 18.63 11.32 -6.64
N TYR A 193 19.19 10.26 -7.22
CA TYR A 193 18.69 8.88 -7.08
C TYR A 193 18.83 8.38 -5.61
N VAL A 194 20.06 8.45 -5.04
CA VAL A 194 20.42 8.01 -3.69
C VAL A 194 19.75 8.87 -2.58
N TYR A 195 19.72 10.21 -2.79
CA TYR A 195 19.15 11.17 -1.83
C TYR A 195 18.07 12.05 -2.48
N PRO A 196 16.90 11.48 -2.88
CA PRO A 196 15.86 12.31 -3.49
C PRO A 196 15.31 13.35 -2.53
N PRO A 197 14.84 14.51 -3.04
CA PRO A 197 14.28 15.52 -2.14
C PRO A 197 13.05 14.96 -1.46
N ASN A 198 12.96 15.11 -0.14
CA ASN A 198 11.82 14.63 0.60
C ASN A 198 10.88 15.83 0.73
N VAL A 199 10.06 15.98 -0.30
CA VAL A 199 9.17 17.13 -0.50
C VAL A 199 7.67 16.79 -0.49
N GLU A 200 6.86 17.81 -0.15
CA GLU A 200 5.40 17.77 -0.17
C GLU A 200 4.97 17.84 -1.64
N SER A 201 3.73 17.46 -1.95
CA SER A 201 3.26 17.49 -3.33
C SER A 201 3.03 18.91 -3.88
N SER A 202 2.73 19.89 -3.00
CA SER A 202 2.47 21.28 -3.41
C SER A 202 3.24 22.32 -2.58
N PRO A 203 3.75 23.42 -3.21
CA PRO A 203 4.45 24.45 -2.42
C PRO A 203 3.50 25.39 -1.64
N GLU A 204 2.18 25.28 -1.87
CA GLU A 204 1.18 26.09 -1.20
C GLU A 204 1.00 25.72 0.27
N LEU A 205 0.87 26.72 1.13
CA LEU A 205 0.69 26.51 2.57
C LEU A 205 -0.73 26.84 3.01
N PRO A 206 -1.39 25.95 3.79
CA PRO A 206 -2.73 26.28 4.30
C PRO A 206 -2.63 27.51 5.23
N LYS A 207 -3.65 28.39 5.20
CA LYS A 207 -3.72 29.65 5.95
C LYS A 207 -3.22 29.54 7.40
N HIS A 208 -3.57 28.44 8.11
CA HIS A 208 -3.15 28.23 9.50
C HIS A 208 -1.64 27.96 9.66
N ILE A 209 -1.01 27.31 8.66
CA ILE A 209 0.43 27.02 8.65
C ILE A 209 1.21 28.29 8.27
N TYR A 210 0.69 29.07 7.30
CA TYR A 210 1.31 30.32 6.89
C TYR A 210 1.32 31.32 8.04
N ASN A 211 0.23 31.37 8.85
CA ASN A 211 0.08 32.24 10.02
C ASN A 211 1.11 31.94 11.12
N LYS A 212 1.69 30.72 11.12
CA LYS A 212 2.72 30.31 12.08
C LYS A 212 4.06 31.01 11.79
N LEU A 213 4.24 31.50 10.54
CA LEU A 213 5.42 32.23 10.07
C LEU A 213 5.30 33.71 10.40
N ASP A 214 6.43 34.34 10.77
CA ASP A 214 6.51 35.78 11.07
C ASP A 214 6.57 36.56 9.75
N LYS A 215 5.38 37.01 9.27
CA LYS A 215 5.18 37.76 8.03
C LYS A 215 5.71 36.98 6.79
N GLY A 216 5.40 35.68 6.77
CA GLY A 216 5.81 34.74 5.73
C GLY A 216 7.26 34.33 5.79
N GLN A 217 7.93 34.61 6.92
CA GLN A 217 9.35 34.30 7.11
C GLN A 217 9.60 33.27 8.19
N ILE A 218 10.67 32.49 8.01
CA ILE A 218 11.10 31.43 8.93
C ILE A 218 12.52 31.68 9.48
N ILE A 219 12.73 31.34 10.76
CA ILE A 219 14.04 31.38 11.42
C ILE A 219 14.66 30.00 11.17
N VAL A 220 15.90 29.96 10.64
CA VAL A 220 16.62 28.72 10.29
C VAL A 220 18.06 28.76 10.84
N VAL A 221 18.57 27.64 11.36
CA VAL A 221 19.94 27.56 11.86
C VAL A 221 20.80 26.74 10.88
N ILE A 222 21.84 27.38 10.34
CA ILE A 222 22.79 26.78 9.39
C ILE A 222 24.13 26.55 10.10
N TRP A 223 24.56 25.30 10.09
CA TRP A 223 25.79 24.84 10.72
C TRP A 223 26.88 24.62 9.71
N VAL A 224 28.04 25.19 10.00
CA VAL A 224 29.22 25.10 9.17
C VAL A 224 30.30 24.43 10.02
N ILE A 225 30.68 23.19 9.65
CA ILE A 225 31.76 22.47 10.31
C ILE A 225 33.03 23.01 9.68
N VAL A 226 33.99 23.49 10.49
CA VAL A 226 35.15 24.12 9.91
C VAL A 226 36.48 23.64 10.56
N SER A 227 36.81 24.10 11.78
CA SER A 227 38.06 23.80 12.48
C SER A 227 38.33 22.30 12.71
N PRO A 228 39.61 21.86 12.87
CA PRO A 228 39.87 20.43 13.15
C PRO A 228 39.17 19.98 14.45
N ASN A 229 38.89 18.66 14.57
CA ASN A 229 38.13 18.03 15.66
C ASN A 229 36.63 18.38 15.51
N ASN A 230 36.28 18.86 14.29
CA ASN A 230 34.97 19.26 13.78
C ASN A 230 34.22 20.27 14.68
N ASP A 231 34.81 21.48 14.87
CA ASP A 231 34.18 22.57 15.62
C ASP A 231 32.98 23.09 14.83
N LYS A 232 31.87 23.32 15.52
CA LYS A 232 30.62 23.72 14.89
C LYS A 232 30.26 25.19 15.07
N GLN A 233 30.13 25.92 13.95
CA GLN A 233 29.71 27.30 13.93
C GLN A 233 28.27 27.37 13.45
N LYS A 234 27.39 28.04 14.22
CA LYS A 234 26.00 28.18 13.85
C LYS A 234 25.68 29.60 13.40
N TYR A 235 24.76 29.70 12.42
CA TYR A 235 24.31 30.97 11.85
C TYR A 235 22.79 30.93 11.73
N THR A 236 22.12 31.87 12.44
CA THR A 236 20.66 32.01 12.48
C THR A 236 20.19 32.95 11.38
N LEU A 237 19.30 32.46 10.49
CA LEU A 237 18.78 33.23 9.36
C LEU A 237 17.28 33.45 9.44
N LYS A 238 16.82 34.68 9.12
CA LYS A 238 15.40 34.98 9.03
C LYS A 238 15.20 35.29 7.56
N ILE A 239 14.65 34.31 6.85
CA ILE A 239 14.42 34.36 5.40
C ILE A 239 12.99 33.97 5.07
N ASN A 240 12.55 34.25 3.83
CA ASN A 240 11.22 33.87 3.34
C ASN A 240 11.11 32.35 3.35
N HIS A 241 9.91 31.81 3.67
CA HIS A 241 9.68 30.35 3.73
C HIS A 241 9.88 29.70 2.36
N ASP A 242 9.62 30.46 1.28
CA ASP A 242 9.68 30.10 -0.14
C ASP A 242 11.11 30.14 -0.74
N CYS A 243 12.11 30.52 0.07
CA CYS A 243 13.52 30.60 -0.38
C CYS A 243 14.04 29.27 -0.89
N VAL A 244 14.80 29.32 -1.98
CA VAL A 244 15.42 28.15 -2.62
C VAL A 244 16.73 27.80 -1.83
N PRO A 245 17.15 26.49 -1.71
CA PRO A 245 18.37 26.19 -0.93
C PRO A 245 19.59 27.06 -1.25
N GLU A 246 19.81 27.39 -2.56
CA GLU A 246 20.92 28.22 -3.04
C GLU A 246 20.91 29.61 -2.40
N GLN A 247 19.71 30.20 -2.21
CA GLN A 247 19.52 31.51 -1.57
C GLN A 247 19.85 31.42 -0.08
N VAL A 248 19.45 30.29 0.56
CA VAL A 248 19.68 29.98 1.97
C VAL A 248 21.20 29.88 2.21
N ILE A 249 21.93 29.16 1.31
CA ILE A 249 23.39 29.03 1.33
C ILE A 249 24.04 30.43 1.19
N ALA A 250 23.55 31.29 0.27
CA ALA A 250 24.07 32.65 0.04
C ALA A 250 23.97 33.52 1.30
N GLU A 251 22.83 33.44 2.00
CA GLU A 251 22.53 34.13 3.25
C GLU A 251 23.46 33.63 4.36
N ALA A 252 23.71 32.30 4.44
CA ALA A 252 24.64 31.69 5.40
C ALA A 252 26.06 32.19 5.18
N ILE A 253 26.53 32.20 3.90
CA ILE A 253 27.86 32.72 3.51
C ILE A 253 27.95 34.20 3.88
N ARG A 254 26.86 34.99 3.65
CA ARG A 254 26.78 36.41 4.02
C ARG A 254 27.06 36.60 5.54
N LYS A 255 26.34 35.85 6.39
CA LYS A 255 26.47 35.87 7.86
C LYS A 255 27.85 35.45 8.36
N LYS A 256 28.48 34.45 7.70
CA LYS A 256 29.83 33.96 8.01
C LYS A 256 30.89 34.99 7.56
N THR A 257 30.64 35.67 6.42
CA THR A 257 31.53 36.69 5.87
C THR A 257 31.42 38.01 6.68
N ARG A 258 30.20 38.37 7.17
CA ARG A 258 29.96 39.57 8.00
C ARG A 258 30.76 39.46 9.29
N SER A 259 30.90 38.21 9.79
CA SER A 259 31.66 37.79 10.99
C SER A 259 33.18 38.17 10.93
N MET A 260 33.71 38.50 9.73
CA MET A 260 35.13 38.86 9.52
C MET A 260 35.36 40.34 9.77
N TYR A 274 31.06 29.79 -5.19
CA TYR A 274 31.00 29.57 -3.74
C TYR A 274 29.66 29.02 -3.27
N GLN A 275 28.53 29.63 -3.71
CA GLN A 275 27.18 29.18 -3.34
C GLN A 275 26.81 27.82 -3.99
N GLY A 276 27.31 27.58 -5.20
CA GLY A 276 27.09 26.34 -5.96
C GLY A 276 28.17 25.30 -5.73
N LYS A 277 28.90 25.42 -4.61
CA LYS A 277 29.97 24.51 -4.18
C LYS A 277 29.49 23.73 -2.93
N TYR A 278 28.38 24.18 -2.33
CA TYR A 278 27.79 23.56 -1.15
C TYR A 278 26.36 23.01 -1.40
N ILE A 279 25.89 22.20 -0.45
CA ILE A 279 24.56 21.61 -0.38
C ILE A 279 24.11 21.65 1.09
N LEU A 280 22.78 21.65 1.33
CA LEU A 280 22.22 21.64 2.68
C LEU A 280 21.73 20.25 3.00
N LYS A 281 22.11 19.80 4.18
CA LYS A 281 21.81 18.51 4.76
C LYS A 281 21.03 18.77 6.04
N VAL A 282 20.08 17.90 6.39
CA VAL A 282 19.36 18.00 7.66
C VAL A 282 20.32 17.48 8.76
N CYS A 283 20.53 18.28 9.84
CA CYS A 283 21.36 17.87 10.99
C CYS A 283 20.77 16.61 11.60
N GLY A 284 21.64 15.64 11.87
CA GLY A 284 21.23 14.40 12.54
C GLY A 284 20.83 13.21 11.69
N CYS A 285 20.60 13.41 10.38
CA CYS A 285 20.23 12.33 9.44
C CYS A 285 20.69 12.61 8.00
N ASP A 286 20.66 11.57 7.15
CA ASP A 286 21.09 11.63 5.75
C ASP A 286 19.96 12.09 4.83
N GLU A 287 19.47 13.31 5.05
CA GLU A 287 18.44 14.00 4.25
C GLU A 287 19.14 15.22 3.68
N TYR A 288 19.04 15.41 2.36
CA TYR A 288 19.70 16.48 1.63
C TYR A 288 18.70 17.28 0.84
N PHE A 289 19.06 18.54 0.53
CA PHE A 289 18.24 19.46 -0.24
C PHE A 289 18.95 19.71 -1.59
N LEU A 290 19.02 18.69 -2.43
CA LEU A 290 19.70 18.71 -3.72
C LEU A 290 18.97 19.45 -4.86
N GLU A 291 17.66 19.71 -4.70
CA GLU A 291 16.83 20.36 -5.73
C GLU A 291 16.28 21.74 -5.26
N LYS A 292 16.01 22.61 -6.25
CA LYS A 292 15.55 24.00 -6.15
C LYS A 292 14.08 24.19 -5.70
N TYR A 293 13.57 23.37 -4.77
CA TYR A 293 12.20 23.53 -4.27
C TYR A 293 12.16 24.66 -3.23
N PRO A 294 11.01 25.37 -3.03
CA PRO A 294 10.94 26.35 -1.93
C PRO A 294 11.20 25.61 -0.61
N LEU A 295 11.99 26.21 0.28
CA LEU A 295 12.37 25.62 1.56
C LEU A 295 11.21 24.98 2.32
N SER A 296 10.05 25.67 2.44
CA SER A 296 8.86 25.18 3.14
C SER A 296 8.20 23.91 2.50
N GLN A 297 8.52 23.61 1.22
CA GLN A 297 8.01 22.44 0.50
C GLN A 297 8.75 21.16 0.92
N TYR A 298 9.92 21.30 1.54
CA TYR A 298 10.65 20.16 2.06
C TYR A 298 9.95 19.72 3.35
N LYS A 299 9.55 18.44 3.41
CA LYS A 299 8.81 17.85 4.54
C LYS A 299 9.40 18.17 5.92
N TYR A 300 10.74 18.11 6.06
CA TYR A 300 11.42 18.44 7.31
C TYR A 300 11.08 19.88 7.74
N ILE A 301 11.17 20.83 6.81
CA ILE A 301 10.90 22.25 7.07
C ILE A 301 9.42 22.46 7.43
N ARG A 302 8.48 21.89 6.63
CA ARG A 302 7.04 22.01 6.87
C ARG A 302 6.64 21.48 8.24
N SER A 303 7.25 20.34 8.63
CA SER A 303 7.07 19.71 9.94
C SER A 303 7.56 20.67 11.04
N CYS A 304 8.76 21.30 10.85
CA CYS A 304 9.32 22.27 11.81
C CYS A 304 8.37 23.44 11.99
N ILE A 305 7.77 23.96 10.89
CA ILE A 305 6.78 25.06 10.94
C ILE A 305 5.54 24.60 11.75
N MET A 306 4.95 23.45 11.37
CA MET A 306 3.77 22.84 12.01
C MET A 306 3.95 22.56 13.51
N LEU A 307 5.14 22.09 13.93
CA LEU A 307 5.41 21.73 15.33
C LEU A 307 6.09 22.83 16.17
N GLY A 308 6.36 23.99 15.55
CA GLY A 308 7.02 25.11 16.22
C GLY A 308 8.42 24.75 16.65
N ARG A 309 9.12 23.98 15.80
CA ARG A 309 10.50 23.53 16.01
C ARG A 309 11.47 24.37 15.18
N MET A 310 12.74 24.44 15.63
CA MET A 310 13.76 25.20 14.93
C MET A 310 14.45 24.32 13.89
N PRO A 311 14.40 24.67 12.57
CA PRO A 311 15.10 23.84 11.58
C PRO A 311 16.61 24.05 11.66
N ASN A 312 17.34 22.95 11.80
CA ASN A 312 18.79 22.91 11.89
C ASN A 312 19.34 22.20 10.68
N LEU A 313 19.98 22.97 9.78
CA LEU A 313 20.60 22.44 8.56
C LEU A 313 22.11 22.59 8.57
N MET A 314 22.81 21.70 7.88
CA MET A 314 24.26 21.67 7.82
C MET A 314 24.76 21.90 6.41
N LEU A 315 25.68 22.85 6.29
CA LEU A 315 26.33 23.19 5.04
C LEU A 315 27.43 22.16 4.79
N MET A 316 27.22 21.37 3.75
CA MET A 316 28.14 20.29 3.35
C MET A 316 28.70 20.64 1.97
N ALA A 317 29.97 20.30 1.70
CA ALA A 317 30.55 20.57 0.37
C ALA A 317 30.05 19.54 -0.64
N LYS A 318 29.63 20.01 -1.86
CA LYS A 318 29.14 19.13 -2.94
C LYS A 318 30.06 17.95 -3.21
N GLU A 319 31.38 18.19 -3.21
CA GLU A 319 32.39 17.16 -3.44
C GLU A 319 32.52 16.15 -2.29
N SER A 320 32.21 16.57 -1.03
CA SER A 320 32.22 15.66 0.13
C SER A 320 31.14 14.59 -0.08
N LEU A 321 29.97 14.99 -0.57
CA LEU A 321 28.89 14.05 -0.88
C LEU A 321 29.18 13.21 -2.14
N TYR A 322 29.53 13.89 -3.26
CA TYR A 322 29.77 13.26 -4.56
C TYR A 322 30.80 12.14 -4.53
N SER A 323 31.96 12.38 -3.88
CA SER A 323 33.04 11.40 -3.77
C SER A 323 32.61 10.13 -3.02
N GLN A 324 31.60 10.25 -2.13
CA GLN A 324 31.04 9.15 -1.33
C GLN A 324 30.05 8.24 -2.11
N LEU A 325 29.50 8.72 -3.25
CA LEU A 325 28.54 7.93 -4.06
C LEU A 325 29.32 7.11 -5.08
N PRO A 326 29.44 5.77 -4.93
CA PRO A 326 30.24 4.98 -5.87
C PRO A 326 29.64 4.85 -7.26
N MET A 327 30.50 4.71 -8.27
CA MET A 327 30.13 4.52 -9.67
C MET A 327 29.78 3.05 -9.83
N ASP A 328 28.54 2.77 -10.20
CA ASP A 328 28.11 1.41 -10.43
C ASP A 328 28.00 1.20 -11.93
N CYS A 329 28.62 0.15 -12.43
CA CYS A 329 28.59 -0.23 -13.83
C CYS A 329 27.63 -1.40 -13.97
N PHE A 330 26.34 -1.10 -14.25
CA PHE A 330 25.31 -2.12 -14.42
C PHE A 330 25.67 -3.03 -15.59
N THR A 331 25.81 -4.32 -15.30
CA THR A 331 26.16 -5.31 -16.30
C THR A 331 24.92 -6.13 -16.67
N MET A 332 24.80 -6.47 -17.95
CA MET A 332 23.72 -7.30 -18.43
C MET A 332 24.03 -8.74 -18.04
N PRO A 333 23.08 -9.44 -17.37
CA PRO A 333 23.34 -10.82 -16.92
C PRO A 333 23.41 -11.83 -18.08
N SER A 334 23.94 -13.06 -17.82
CA SER A 334 24.10 -14.14 -18.82
C SER A 334 22.80 -14.47 -19.56
N TYR A 335 21.66 -14.38 -18.84
CA TYR A 335 20.35 -14.67 -19.41
C TYR A 335 19.77 -13.53 -20.31
N SER A 336 20.53 -12.44 -20.57
CA SER A 336 20.14 -11.37 -21.50
C SER A 336 20.26 -11.98 -22.91
N ARG A 337 21.32 -12.80 -23.11
CA ARG A 337 21.66 -13.50 -24.34
C ARG A 337 20.89 -14.84 -24.49
N ARG A 338 19.69 -14.78 -25.10
CA ARG A 338 18.80 -15.92 -25.35
C ARG A 338 19.46 -16.89 -26.35
N THR A 350 0.02 -27.41 -38.98
CA THR A 350 -0.52 -26.34 -38.14
C THR A 350 -0.49 -24.98 -38.88
N SER A 351 -1.10 -23.94 -38.25
CA SER A 351 -1.23 -22.56 -38.73
C SER A 351 -1.48 -21.62 -37.50
N THR A 352 -1.82 -20.33 -37.74
CA THR A 352 -2.18 -19.35 -36.71
C THR A 352 -3.47 -18.61 -37.11
N LYS A 353 -4.55 -18.81 -36.33
CA LYS A 353 -5.85 -18.17 -36.57
C LYS A 353 -6.21 -17.18 -35.48
N SER A 354 -7.00 -16.16 -35.83
CA SER A 354 -7.50 -15.19 -34.86
C SER A 354 -8.67 -15.82 -34.13
N LEU A 355 -8.85 -15.43 -32.87
CA LEU A 355 -9.93 -15.89 -31.99
C LEU A 355 -11.32 -15.65 -32.60
N TRP A 356 -11.48 -14.54 -33.31
CA TRP A 356 -12.75 -14.15 -33.92
C TRP A 356 -13.12 -14.96 -35.18
N VAL A 357 -12.21 -15.81 -35.67
CA VAL A 357 -12.46 -16.67 -36.84
C VAL A 357 -12.79 -18.11 -36.35
N ILE A 358 -12.98 -18.29 -35.02
CA ILE A 358 -13.30 -19.59 -34.42
C ILE A 358 -14.79 -19.65 -34.06
N ASN A 359 -15.62 -20.06 -35.05
CA ASN A 359 -17.07 -20.22 -34.92
C ASN A 359 -17.37 -21.48 -34.09
N SER A 360 -17.26 -21.37 -32.74
CA SER A 360 -17.48 -22.49 -31.80
C SER A 360 -17.80 -22.02 -30.37
N ALA A 361 -18.55 -22.85 -29.61
CA ALA A 361 -18.86 -22.59 -28.20
C ALA A 361 -17.71 -23.14 -27.34
N LEU A 362 -17.53 -22.57 -26.13
CA LEU A 362 -16.46 -23.01 -25.26
C LEU A 362 -16.74 -24.38 -24.59
N ARG A 363 -15.72 -25.23 -24.58
CA ARG A 363 -15.74 -26.53 -23.94
C ARG A 363 -14.37 -26.88 -23.41
N ILE A 364 -14.32 -27.43 -22.18
CA ILE A 364 -13.09 -27.85 -21.50
C ILE A 364 -13.33 -29.24 -20.92
N LYS A 365 -12.35 -30.15 -21.12
CA LYS A 365 -12.39 -31.52 -20.61
C LYS A 365 -11.68 -31.63 -19.27
N ILE A 366 -12.35 -32.23 -18.29
CA ILE A 366 -11.77 -32.52 -16.98
C ILE A 366 -11.47 -34.01 -16.99
N LEU A 367 -10.17 -34.33 -17.02
CA LEU A 367 -9.75 -35.72 -17.11
C LEU A 367 -9.86 -36.44 -15.76
N CYS A 368 -8.89 -36.20 -14.86
CA CYS A 368 -8.77 -36.85 -13.56
C CYS A 368 -8.04 -35.96 -12.55
N ALA A 369 -8.04 -36.39 -11.28
CA ALA A 369 -7.35 -35.71 -10.19
C ALA A 369 -6.41 -36.68 -9.44
N THR A 370 -5.18 -36.22 -9.18
CA THR A 370 -4.18 -36.98 -8.43
C THR A 370 -3.90 -36.23 -7.13
N TYR A 371 -3.37 -36.92 -6.10
CA TYR A 371 -3.07 -36.37 -4.76
C TYR A 371 -4.35 -35.90 -4.02
N VAL A 372 -5.44 -36.68 -4.16
CA VAL A 372 -6.72 -36.41 -3.48
C VAL A 372 -6.74 -37.26 -2.20
N ASN A 373 -5.90 -36.88 -1.24
CA ASN A 373 -5.77 -37.55 0.04
C ASN A 373 -6.74 -36.91 1.01
N VAL A 374 -7.86 -37.60 1.27
CA VAL A 374 -8.92 -37.15 2.17
C VAL A 374 -9.35 -38.26 3.14
N ASN A 375 -10.11 -37.87 4.18
CA ASN A 375 -10.66 -38.79 5.19
C ASN A 375 -11.96 -39.36 4.62
N ILE A 376 -12.11 -40.70 4.63
CA ILE A 376 -13.29 -41.39 4.09
C ILE A 376 -14.36 -41.56 5.17
N ILE A 379 -15.51 -37.24 3.93
CA ILE A 379 -15.71 -37.11 2.48
C ILE A 379 -16.15 -38.46 1.90
N ASP A 380 -17.29 -38.49 1.18
CA ASP A 380 -17.84 -39.73 0.62
C ASP A 380 -18.28 -39.64 -0.86
N LYS A 381 -18.11 -38.46 -1.53
CA LYS A 381 -18.45 -38.18 -2.95
C LYS A 381 -17.92 -36.79 -3.40
N ILE A 382 -17.26 -36.72 -4.58
CA ILE A 382 -16.64 -35.49 -5.12
C ILE A 382 -16.89 -35.20 -6.61
N TYR A 383 -16.74 -33.93 -7.00
CA TYR A 383 -16.89 -33.45 -8.37
C TYR A 383 -16.02 -32.22 -8.58
N VAL A 384 -15.89 -31.78 -9.85
CA VAL A 384 -15.20 -30.55 -10.21
C VAL A 384 -16.23 -29.48 -10.59
N ARG A 385 -16.18 -28.34 -9.87
CA ARG A 385 -17.02 -27.18 -10.15
C ARG A 385 -16.17 -26.27 -11.03
N THR A 386 -16.76 -25.76 -12.13
CA THR A 386 -16.05 -24.83 -13.02
C THR A 386 -16.93 -23.65 -13.40
N GLY A 387 -16.29 -22.54 -13.75
CA GLY A 387 -16.94 -21.32 -14.20
C GLY A 387 -16.00 -20.47 -15.02
N ILE A 388 -16.57 -19.63 -15.91
CA ILE A 388 -15.80 -18.68 -16.72
C ILE A 388 -16.00 -17.31 -16.14
N TYR A 389 -14.89 -16.65 -15.71
CA TYR A 389 -14.93 -15.34 -15.04
C TYR A 389 -14.11 -14.24 -15.70
N HIS A 390 -14.54 -13.01 -15.47
CA HIS A 390 -13.84 -11.78 -15.88
C HIS A 390 -13.78 -11.00 -14.58
N GLY A 391 -12.65 -11.08 -13.93
CA GLY A 391 -12.45 -10.57 -12.58
C GLY A 391 -13.25 -11.48 -11.67
N GLY A 392 -14.25 -10.92 -11.02
CA GLY A 392 -15.14 -11.70 -10.16
C GLY A 392 -16.53 -11.85 -10.76
N GLU A 393 -16.72 -11.31 -11.98
CA GLU A 393 -17.96 -11.34 -12.74
C GLU A 393 -18.07 -12.60 -13.60
N PRO A 394 -19.08 -13.48 -13.36
CA PRO A 394 -19.24 -14.67 -14.22
C PRO A 394 -19.62 -14.29 -15.66
N LEU A 395 -18.99 -14.95 -16.63
CA LEU A 395 -19.25 -14.71 -18.06
C LEU A 395 -20.36 -15.59 -18.63
N CYS A 396 -20.77 -16.62 -17.91
CA CYS A 396 -21.85 -17.57 -18.24
C CYS A 396 -22.17 -18.32 -16.95
N ASP A 397 -23.07 -19.31 -16.99
CA ASP A 397 -23.40 -20.15 -15.83
C ASP A 397 -22.24 -21.12 -15.51
N ASN A 398 -22.12 -21.53 -14.23
CA ASN A 398 -21.12 -22.50 -13.77
C ASN A 398 -21.51 -23.89 -14.27
N VAL A 399 -20.50 -24.67 -14.67
CA VAL A 399 -20.70 -26.03 -15.17
C VAL A 399 -19.92 -27.02 -14.27
N ASN A 400 -20.66 -27.99 -13.69
CA ASN A 400 -20.17 -29.04 -12.80
C ASN A 400 -20.07 -30.35 -13.54
N THR A 401 -19.09 -31.19 -13.14
CA THR A 401 -18.92 -32.54 -13.68
C THR A 401 -19.86 -33.46 -12.88
N GLN A 402 -20.07 -34.70 -13.34
CA GLN A 402 -20.85 -35.70 -12.62
C GLN A 402 -20.08 -36.12 -11.36
N ARG A 403 -20.83 -36.49 -10.28
CA ARG A 403 -20.24 -36.93 -9.01
C ARG A 403 -19.51 -38.27 -9.16
N VAL A 404 -18.41 -38.44 -8.42
CA VAL A 404 -17.55 -39.60 -8.45
C VAL A 404 -16.99 -39.83 -7.02
N PRO A 405 -16.66 -41.07 -6.56
CA PRO A 405 -16.09 -41.22 -5.21
C PRO A 405 -14.62 -40.76 -5.20
N CYS A 406 -14.18 -40.09 -4.10
CA CYS A 406 -12.81 -39.58 -3.95
C CYS A 406 -11.72 -40.67 -4.07
N SER A 407 -12.10 -41.95 -3.87
CA SER A 407 -11.24 -43.14 -3.99
C SER A 407 -10.80 -43.39 -5.45
N ASN A 408 -11.48 -42.74 -6.43
CA ASN A 408 -11.19 -42.80 -7.87
C ASN A 408 -11.68 -41.50 -8.56
N PRO A 409 -10.88 -40.41 -8.49
CA PRO A 409 -11.32 -39.14 -9.14
C PRO A 409 -11.01 -39.12 -10.64
N ARG A 410 -11.88 -39.76 -11.42
CA ARG A 410 -11.80 -39.84 -12.89
C ARG A 410 -13.13 -39.37 -13.45
N TRP A 411 -13.09 -38.40 -14.38
CA TRP A 411 -14.30 -37.85 -14.97
C TRP A 411 -14.41 -38.07 -16.48
N ASN A 412 -13.31 -37.77 -17.23
CA ASN A 412 -13.22 -37.82 -18.70
C ASN A 412 -14.53 -37.26 -19.31
N GLU A 413 -14.85 -36.01 -18.95
CA GLU A 413 -16.07 -35.33 -19.32
C GLU A 413 -15.80 -33.91 -19.84
N TRP A 414 -16.31 -33.63 -21.05
CA TRP A 414 -16.26 -32.31 -21.67
C TRP A 414 -17.36 -31.48 -21.02
N LEU A 415 -17.04 -30.27 -20.63
CA LEU A 415 -18.03 -29.40 -20.03
C LEU A 415 -18.32 -28.33 -21.07
N ASN A 416 -19.59 -28.16 -21.43
CA ASN A 416 -20.02 -27.19 -22.43
C ASN A 416 -20.48 -25.90 -21.76
N TYR A 417 -19.93 -24.77 -22.20
CA TYR A 417 -20.22 -23.46 -21.61
C TYR A 417 -21.07 -22.59 -22.51
N ASP A 418 -21.93 -21.77 -21.88
CA ASP A 418 -22.80 -20.84 -22.58
C ASP A 418 -22.08 -19.55 -23.03
N ILE A 419 -21.05 -19.71 -23.88
CA ILE A 419 -20.25 -18.61 -24.41
C ILE A 419 -19.60 -18.99 -25.76
N TYR A 420 -19.72 -18.07 -26.72
CA TYR A 420 -19.14 -18.16 -28.06
C TYR A 420 -17.64 -17.80 -27.91
N ILE A 421 -16.73 -18.69 -28.39
CA ILE A 421 -15.26 -18.49 -28.33
C ILE A 421 -14.85 -17.04 -28.81
N PRO A 422 -15.34 -16.47 -29.94
CA PRO A 422 -14.96 -15.07 -30.28
C PRO A 422 -15.38 -13.99 -29.27
N ASP A 423 -16.34 -14.29 -28.37
CA ASP A 423 -16.87 -13.36 -27.36
C ASP A 423 -16.06 -13.36 -26.05
N LEU A 424 -15.15 -14.32 -25.90
CA LEU A 424 -14.28 -14.44 -24.73
C LEU A 424 -13.43 -13.17 -24.55
N PRO A 425 -13.55 -12.43 -23.41
CA PRO A 425 -12.68 -11.25 -23.23
C PRO A 425 -11.22 -11.62 -22.97
N ARG A 426 -10.30 -10.65 -23.15
CA ARG A 426 -8.88 -10.87 -23.01
C ARG A 426 -8.48 -11.45 -21.65
N ALA A 427 -9.07 -10.91 -20.56
CA ALA A 427 -8.80 -11.31 -19.17
C ALA A 427 -9.68 -12.48 -18.65
N ALA A 428 -10.37 -13.21 -19.56
CA ALA A 428 -11.18 -14.38 -19.20
C ALA A 428 -10.35 -15.47 -18.54
N ARG A 429 -10.94 -16.07 -17.50
CA ARG A 429 -10.31 -17.10 -16.71
C ARG A 429 -11.25 -18.26 -16.46
N LEU A 430 -10.66 -19.46 -16.34
CA LEU A 430 -11.38 -20.66 -15.95
C LEU A 430 -11.13 -20.74 -14.46
N CYS A 431 -12.21 -20.72 -13.67
CA CYS A 431 -12.11 -20.85 -12.22
C CYS A 431 -12.69 -22.22 -11.87
N LEU A 432 -11.90 -23.06 -11.20
CA LEU A 432 -12.38 -24.38 -10.83
C LEU A 432 -12.11 -24.74 -9.35
N SER A 433 -12.75 -25.84 -8.90
CA SER A 433 -12.58 -26.38 -7.55
C SER A 433 -13.05 -27.83 -7.44
N ILE A 434 -12.44 -28.61 -6.53
CA ILE A 434 -12.88 -29.97 -6.23
C ILE A 434 -13.82 -29.79 -5.03
N CYS A 435 -15.09 -30.18 -5.19
CA CYS A 435 -16.10 -30.04 -4.15
C CYS A 435 -16.58 -31.40 -3.63
N SER A 436 -17.03 -31.41 -2.38
CA SER A 436 -17.60 -32.58 -1.72
C SER A 436 -19.07 -32.29 -1.43
N VAL A 437 -19.87 -33.32 -1.09
CA VAL A 437 -21.31 -33.18 -0.84
C VAL A 437 -21.84 -34.25 0.16
N GLU A 445 -28.29 -30.78 1.39
CA GLU A 445 -26.91 -31.07 0.97
C GLU A 445 -25.94 -29.95 1.30
N GLU A 446 -24.87 -30.28 2.03
CA GLU A 446 -23.82 -29.33 2.39
C GLU A 446 -22.62 -29.50 1.46
N HIS A 447 -22.60 -28.72 0.38
CA HIS A 447 -21.53 -28.70 -0.61
C HIS A 447 -20.33 -28.00 0.02
N CYS A 448 -19.14 -28.59 -0.10
CA CYS A 448 -17.96 -27.99 0.50
C CYS A 448 -16.72 -27.98 -0.43
N PRO A 449 -16.06 -26.82 -0.63
CA PRO A 449 -14.85 -26.82 -1.48
C PRO A 449 -13.66 -27.45 -0.75
N LEU A 450 -12.94 -28.34 -1.42
CA LEU A 450 -11.79 -29.07 -0.85
C LEU A 450 -10.48 -28.42 -1.26
N ALA A 451 -10.38 -28.07 -2.55
CA ALA A 451 -9.23 -27.43 -3.19
C ALA A 451 -9.75 -26.59 -4.37
N TRP A 452 -9.03 -25.52 -4.73
CA TRP A 452 -9.43 -24.61 -5.81
C TRP A 452 -8.22 -24.20 -6.68
N GLY A 453 -8.50 -23.68 -7.87
CA GLY A 453 -7.47 -23.23 -8.81
C GLY A 453 -8.05 -22.44 -9.96
N ASN A 454 -7.34 -21.40 -10.40
CA ASN A 454 -7.74 -20.53 -11.51
C ASN A 454 -6.72 -20.53 -12.63
N ILE A 455 -7.18 -20.30 -13.85
CA ILE A 455 -6.36 -20.35 -15.05
C ILE A 455 -6.75 -19.22 -15.99
N ASN A 456 -5.75 -18.57 -16.57
CA ASN A 456 -5.91 -17.55 -17.60
C ASN A 456 -6.26 -18.31 -18.87
N LEU A 457 -7.39 -17.95 -19.54
CA LEU A 457 -7.79 -18.66 -20.76
C LEU A 457 -6.86 -18.34 -21.97
N PHE A 458 -6.12 -17.23 -21.90
CA PHE A 458 -5.12 -16.80 -22.87
C PHE A 458 -3.81 -16.66 -22.12
N ASP A 459 -2.69 -17.10 -22.70
CA ASP A 459 -1.38 -16.96 -22.04
C ASP A 459 -0.81 -15.54 -22.29
N TYR A 460 0.40 -15.25 -21.79
CA TYR A 460 1.07 -13.97 -21.92
C TYR A 460 1.36 -13.57 -23.35
N THR A 461 1.37 -14.54 -24.30
CA THR A 461 1.66 -14.29 -25.72
C THR A 461 0.36 -14.02 -26.54
N ASP A 462 -0.80 -13.97 -25.82
CA ASP A 462 -2.17 -13.75 -26.30
C ASP A 462 -2.78 -15.00 -26.97
N THR A 463 -2.15 -16.16 -26.72
CA THR A 463 -2.53 -17.47 -27.24
C THR A 463 -3.59 -18.13 -26.35
N LEU A 464 -4.64 -18.66 -26.98
CA LEU A 464 -5.71 -19.41 -26.30
C LEU A 464 -5.16 -20.76 -25.84
N VAL A 465 -5.57 -21.21 -24.63
CA VAL A 465 -5.10 -22.49 -24.10
C VAL A 465 -5.53 -23.66 -25.01
N SER A 466 -4.56 -24.49 -25.36
CA SER A 466 -4.71 -25.65 -26.22
C SER A 466 -3.94 -26.80 -25.62
N GLY A 467 -4.45 -28.01 -25.82
CA GLY A 467 -3.78 -29.23 -25.35
C GLY A 467 -4.09 -29.63 -23.93
N LYS A 468 -3.20 -30.46 -23.38
CA LYS A 468 -3.30 -30.98 -22.03
C LYS A 468 -2.58 -30.05 -21.06
N MET A 469 -3.13 -29.93 -19.85
CA MET A 469 -2.58 -29.08 -18.80
C MET A 469 -2.89 -29.69 -17.45
N ALA A 470 -1.90 -29.71 -16.57
CA ALA A 470 -2.06 -30.19 -15.21
C ALA A 470 -2.03 -28.97 -14.30
N LEU A 471 -3.00 -28.87 -13.41
CA LEU A 471 -3.10 -27.75 -12.50
C LEU A 471 -3.12 -28.20 -11.02
N ASN A 472 -2.08 -27.79 -10.25
CA ASN A 472 -1.99 -28.08 -8.82
C ASN A 472 -2.79 -27.05 -8.07
N LEU A 473 -3.75 -27.53 -7.28
CA LEU A 473 -4.73 -26.73 -6.56
C LEU A 473 -4.25 -26.21 -5.21
N TRP A 474 -5.01 -25.25 -4.67
CA TRP A 474 -4.70 -24.55 -3.43
C TRP A 474 -5.65 -24.95 -2.31
N PRO A 475 -5.16 -24.90 -1.04
CA PRO A 475 -6.07 -25.19 0.10
C PRO A 475 -7.09 -24.07 0.28
N VAL A 476 -8.32 -24.45 0.66
CA VAL A 476 -9.40 -23.50 0.86
C VAL A 476 -9.11 -22.54 2.04
N PRO A 477 -9.18 -21.20 1.83
CA PRO A 477 -8.89 -20.29 2.95
C PRO A 477 -10.07 -20.18 3.90
N HIS A 478 -9.80 -20.19 5.23
CA HIS A 478 -10.84 -20.10 6.27
C HIS A 478 -11.72 -18.86 6.06
N GLY A 479 -13.03 -19.07 6.02
CA GLY A 479 -14.01 -18.02 5.81
C GLY A 479 -14.65 -18.05 4.43
N LEU A 480 -14.00 -18.74 3.47
CA LEU A 480 -14.51 -18.88 2.11
C LEU A 480 -15.48 -20.06 2.05
N GLU A 481 -16.79 -19.75 2.16
CA GLU A 481 -17.86 -20.75 2.10
C GLU A 481 -18.19 -21.09 0.64
N ASP A 482 -18.02 -20.09 -0.26
CA ASP A 482 -18.24 -20.17 -1.71
C ASP A 482 -17.41 -21.30 -2.32
N LEU A 483 -18.04 -22.06 -3.24
CA LEU A 483 -17.44 -23.22 -3.90
C LEU A 483 -16.30 -22.84 -4.85
N LEU A 484 -16.44 -21.71 -5.54
CA LEU A 484 -15.38 -21.21 -6.43
C LEU A 484 -14.63 -20.07 -5.77
N ASN A 485 -13.39 -19.79 -6.21
CA ASN A 485 -12.59 -18.70 -5.66
C ASN A 485 -12.04 -17.80 -6.80
N PRO A 486 -12.91 -16.97 -7.45
CA PRO A 486 -12.46 -16.13 -8.58
C PRO A 486 -11.46 -15.04 -8.26
N ILE A 487 -11.57 -14.40 -7.09
CA ILE A 487 -10.66 -13.30 -6.72
C ILE A 487 -9.39 -13.90 -6.05
N GLY A 488 -9.22 -15.21 -6.20
CA GLY A 488 -8.02 -15.93 -5.75
C GLY A 488 -6.94 -15.84 -6.81
N VAL A 489 -5.72 -16.24 -6.44
CA VAL A 489 -4.56 -16.25 -7.34
C VAL A 489 -4.79 -17.20 -8.53
N THR A 490 -4.29 -16.82 -9.70
CA THR A 490 -4.36 -17.54 -10.96
C THR A 490 -3.00 -18.19 -11.20
N GLY A 491 -3.03 -19.48 -11.50
CA GLY A 491 -1.82 -20.27 -11.72
C GLY A 491 -1.73 -21.48 -10.82
N SER A 492 -0.89 -22.42 -11.20
CA SER A 492 -0.65 -23.69 -10.51
C SER A 492 0.13 -23.47 -9.19
N ASN A 493 -0.22 -24.28 -8.16
CA ASN A 493 0.41 -24.25 -6.84
C ASN A 493 1.86 -24.71 -7.01
N PRO A 494 2.88 -23.88 -6.60
CA PRO A 494 4.28 -24.31 -6.76
C PRO A 494 4.63 -25.63 -6.08
N ASN A 495 3.84 -26.01 -5.06
CA ASN A 495 3.98 -27.26 -4.33
C ASN A 495 3.22 -28.33 -5.14
N LYS A 496 3.96 -29.36 -5.57
CA LYS A 496 3.45 -30.44 -6.41
C LYS A 496 2.87 -31.62 -5.63
N GLU A 497 2.94 -31.56 -4.29
CA GLU A 497 2.37 -32.57 -3.40
C GLU A 497 1.00 -32.05 -2.91
N THR A 498 0.17 -31.66 -3.87
CA THR A 498 -1.15 -31.07 -3.65
C THR A 498 -2.16 -31.66 -4.67
N PRO A 499 -3.50 -31.59 -4.42
CA PRO A 499 -4.45 -32.08 -5.44
C PRO A 499 -4.13 -31.48 -6.81
N CYS A 500 -3.89 -32.34 -7.80
CA CYS A 500 -3.53 -31.97 -9.16
C CYS A 500 -4.62 -32.40 -10.09
N LEU A 501 -5.17 -31.44 -10.83
CA LEU A 501 -6.25 -31.64 -11.76
C LEU A 501 -5.75 -31.61 -13.21
N GLU A 502 -6.02 -32.69 -13.96
CA GLU A 502 -5.65 -32.79 -15.36
C GLU A 502 -6.79 -32.31 -16.25
N LEU A 503 -6.49 -31.38 -17.16
CA LEU A 503 -7.46 -30.77 -18.06
C LEU A 503 -7.00 -30.88 -19.49
N GLU A 504 -7.97 -30.87 -20.39
CA GLU A 504 -7.74 -30.91 -21.82
C GLU A 504 -8.59 -29.82 -22.45
N PHE A 505 -7.97 -29.06 -23.34
CA PHE A 505 -8.57 -27.95 -24.05
C PHE A 505 -8.85 -28.38 -25.49
N ASP A 506 -9.70 -27.61 -26.19
CA ASP A 506 -10.06 -27.90 -27.58
C ASP A 506 -8.88 -27.72 -28.55
N TRP A 507 -8.95 -28.40 -29.70
CA TRP A 507 -7.91 -28.33 -30.73
C TRP A 507 -8.52 -27.85 -32.02
N PHE A 508 -7.94 -26.79 -32.61
CA PHE A 508 -8.45 -26.19 -33.83
C PHE A 508 -7.50 -26.35 -35.03
N SER A 509 -6.53 -27.28 -34.92
CA SER A 509 -5.53 -27.62 -35.95
C SER A 509 -4.62 -26.44 -36.34
N SER A 510 -4.65 -25.40 -35.50
CA SER A 510 -3.88 -24.16 -35.61
C SER A 510 -3.82 -23.46 -34.23
N VAL A 511 -2.80 -22.61 -34.05
CA VAL A 511 -2.58 -21.79 -32.85
C VAL A 511 -3.59 -20.63 -32.92
N VAL A 512 -4.40 -20.48 -31.87
CA VAL A 512 -5.41 -19.42 -31.81
C VAL A 512 -4.86 -18.27 -30.97
N LYS A 513 -4.91 -17.06 -31.51
CA LYS A 513 -4.45 -15.87 -30.80
C LYS A 513 -5.54 -14.81 -30.69
N PHE A 514 -5.43 -13.96 -29.66
CA PHE A 514 -6.35 -12.85 -29.45
C PHE A 514 -6.07 -11.83 -30.58
N PRO A 515 -7.10 -11.30 -31.28
CA PRO A 515 -6.82 -10.32 -32.36
C PRO A 515 -6.03 -9.08 -31.93
N ASP A 516 -5.28 -8.46 -32.88
CA ASP A 516 -4.45 -7.26 -32.69
C ASP A 516 -5.34 -6.05 -32.44
N MET A 517 -4.77 -4.91 -31.99
CA MET A 517 -5.56 -3.68 -31.80
C MET A 517 -6.20 -3.17 -33.10
N SER A 518 -5.47 -3.26 -34.22
CA SER A 518 -5.91 -2.84 -35.55
C SER A 518 -7.25 -3.51 -35.96
N VAL A 519 -7.36 -4.85 -35.74
CA VAL A 519 -8.55 -5.69 -36.00
C VAL A 519 -9.68 -5.29 -35.03
N ILE A 520 -9.34 -5.06 -33.74
CA ILE A 520 -10.29 -4.64 -32.69
C ILE A 520 -10.91 -3.26 -33.02
N GLU A 521 -10.07 -2.31 -33.47
CA GLU A 521 -10.44 -0.95 -33.86
C GLU A 521 -11.34 -0.94 -35.08
N GLU A 522 -11.03 -1.77 -36.09
CA GLU A 522 -11.79 -1.91 -37.33
C GLU A 522 -13.18 -2.40 -36.97
N HIS A 523 -13.26 -3.37 -36.03
CA HIS A 523 -14.52 -3.93 -35.55
C HIS A 523 -15.34 -2.91 -34.74
N ALA A 524 -14.69 -2.09 -33.88
CA ALA A 524 -15.37 -1.06 -33.10
C ALA A 524 -15.96 0.03 -34.01
N ASN A 525 -15.16 0.50 -35.00
CA ASN A 525 -15.60 1.48 -36.00
C ASN A 525 -16.76 0.91 -36.81
N TRP A 526 -16.71 -0.39 -37.17
CA TRP A 526 -17.78 -1.05 -37.89
C TRP A 526 -19.07 -1.04 -37.03
N SER A 527 -18.95 -1.34 -35.70
CA SER A 527 -20.07 -1.37 -34.74
C SER A 527 -20.69 0.03 -34.50
N VAL A 528 -19.83 1.05 -34.32
CA VAL A 528 -20.22 2.46 -34.08
C VAL A 528 -21.00 3.01 -35.30
N SER A 529 -20.46 2.77 -36.49
CA SER A 529 -21.04 3.21 -37.74
C SER A 529 -22.40 2.53 -37.97
N ARG A 530 -22.49 1.22 -37.71
CA ARG A 530 -23.70 0.40 -37.82
C ARG A 530 -24.78 0.95 -36.88
N GLU A 531 -24.43 1.20 -35.57
CA GLU A 531 -25.32 1.76 -34.55
C GLU A 531 -25.81 3.16 -34.88
N ALA A 532 -24.95 3.97 -35.50
CA ALA A 532 -25.25 5.34 -35.90
C ALA A 532 -26.38 5.41 -36.93
N GLY A 533 -26.55 4.33 -37.70
CA GLY A 533 -27.57 4.22 -38.74
C GLY A 533 -28.85 3.51 -38.32
N PHE A 534 -28.94 3.07 -37.04
CA PHE A 534 -30.10 2.35 -36.48
C PHE A 534 -31.34 3.25 -36.45
N SER A 535 -32.47 2.71 -36.94
CA SER A 535 -33.77 3.37 -36.96
C SER A 535 -34.31 3.51 -35.49
N TYR A 536 -35.35 4.34 -35.31
CA TYR A 536 -35.98 4.55 -34.00
C TYR A 536 -36.40 3.18 -33.39
N SER A 537 -37.09 2.35 -34.19
CA SER A 537 -37.62 1.06 -33.76
C SER A 537 -36.54 0.02 -33.50
N HIS A 538 -35.44 0.02 -34.27
CA HIS A 538 -34.32 -0.87 -34.02
C HIS A 538 -33.76 -0.52 -32.64
N ALA A 539 -33.48 0.79 -32.38
CA ALA A 539 -32.97 1.23 -31.05
C ALA A 539 -33.95 0.89 -29.93
N GLY A 540 -35.25 0.83 -30.25
CA GLY A 540 -36.30 0.45 -29.31
C GLY A 540 -36.26 -1.02 -28.88
N LEU A 541 -35.50 -1.88 -29.59
CA LEU A 541 -35.39 -3.31 -29.26
C LEU A 541 -34.53 -3.57 -28.02
N SER A 542 -33.57 -2.65 -27.72
CA SER A 542 -32.64 -2.77 -26.59
C SER A 542 -32.49 -1.47 -25.80
N ASN A 543 -32.46 -1.62 -24.45
CA ASN A 543 -32.27 -0.52 -23.51
C ASN A 543 -30.81 -0.10 -23.47
N ARG A 544 -29.93 -0.91 -24.10
CA ARG A 544 -28.48 -0.67 -24.24
C ARG A 544 -28.20 0.12 -25.52
N LEU A 545 -29.24 0.32 -26.36
CA LEU A 545 -29.16 1.13 -27.58
C LEU A 545 -29.94 2.43 -27.33
N ALA A 546 -29.35 3.59 -27.68
CA ALA A 546 -29.97 4.91 -27.53
C ALA A 546 -29.56 5.83 -28.66
N ARG A 547 -30.55 6.47 -29.31
CA ARG A 547 -30.28 7.38 -30.41
C ARG A 547 -29.64 8.68 -29.90
N ASP A 548 -28.56 9.10 -30.59
CA ASP A 548 -27.67 10.24 -30.33
C ASP A 548 -28.36 11.50 -29.80
N ASN A 549 -29.35 12.02 -30.54
CA ASN A 549 -30.05 13.25 -30.20
C ASN A 549 -31.06 13.13 -29.04
N GLU A 550 -31.43 11.88 -28.63
CA GLU A 550 -32.38 11.62 -27.54
C GLU A 550 -31.83 11.97 -26.14
N LEU A 551 -30.54 12.38 -26.06
CA LEU A 551 -29.85 12.75 -24.82
C LEU A 551 -30.34 14.08 -24.24
N ARG A 552 -31.22 14.00 -23.22
CA ARG A 552 -31.80 15.12 -22.49
C ARG A 552 -30.92 15.57 -21.30
N GLU A 553 -31.18 16.78 -20.76
CA GLU A 553 -30.44 17.34 -19.61
C GLU A 553 -30.69 16.56 -18.32
N ASN A 554 -31.89 15.96 -18.16
CA ASN A 554 -32.27 15.12 -17.02
C ASN A 554 -31.38 13.87 -17.01
N ASP A 555 -31.12 13.29 -18.21
CA ASP A 555 -30.27 12.12 -18.44
C ASP A 555 -28.83 12.42 -18.07
N LYS A 556 -28.37 13.65 -18.41
CA LYS A 556 -27.02 14.17 -18.14
C LYS A 556 -26.87 14.38 -16.66
N GLU A 557 -27.94 14.83 -15.99
CA GLU A 557 -27.95 15.03 -14.54
C GLU A 557 -27.89 13.69 -13.78
N GLN A 558 -28.61 12.65 -14.30
CA GLN A 558 -28.62 11.29 -13.77
C GLN A 558 -27.21 10.68 -13.90
N LEU A 559 -26.53 10.92 -15.03
CA LEU A 559 -25.18 10.44 -15.26
C LEU A 559 -24.21 11.08 -14.27
N LYS A 560 -24.33 12.41 -14.06
CA LYS A 560 -23.49 13.15 -13.10
C LYS A 560 -23.67 12.59 -11.66
N ALA A 561 -24.94 12.34 -11.24
CA ALA A 561 -25.30 11.78 -9.94
C ALA A 561 -24.70 10.38 -9.74
N ILE A 562 -24.78 9.49 -10.77
CA ILE A 562 -24.17 8.16 -10.71
C ILE A 562 -22.65 8.25 -10.46
N SER A 563 -21.94 9.15 -11.17
CA SER A 563 -20.48 9.31 -11.02
C SER A 563 -20.04 9.74 -9.63
N THR A 564 -20.95 10.32 -8.81
CA THR A 564 -20.64 10.76 -7.44
C THR A 564 -20.72 9.61 -6.41
N ARG A 565 -21.41 8.50 -6.76
CA ARG A 565 -21.60 7.34 -5.89
C ARG A 565 -20.29 6.68 -5.59
N ASP A 566 -20.19 6.06 -4.39
CA ASP A 566 -18.98 5.42 -3.94
C ASP A 566 -18.77 4.08 -4.66
N PRO A 567 -17.54 3.53 -4.66
CA PRO A 567 -17.28 2.27 -5.37
C PRO A 567 -18.02 1.03 -4.88
N LEU A 568 -18.65 1.08 -3.69
CA LEU A 568 -19.38 -0.06 -3.12
C LEU A 568 -20.89 0.08 -3.31
N SER A 569 -21.32 1.19 -3.91
CA SER A 569 -22.72 1.43 -4.21
C SER A 569 -23.07 0.60 -5.43
N GLU A 570 -24.13 -0.21 -5.33
CA GLU A 570 -24.59 -1.07 -6.41
C GLU A 570 -25.15 -0.27 -7.58
N ILE A 571 -24.77 -0.66 -8.78
CA ILE A 571 -25.26 -0.06 -10.02
C ILE A 571 -26.27 -1.08 -10.55
N THR A 572 -27.55 -0.70 -10.58
CA THR A 572 -28.65 -1.57 -11.04
C THR A 572 -28.48 -1.90 -12.52
N GLU A 573 -29.11 -3.01 -12.94
CA GLU A 573 -29.12 -3.44 -14.34
C GLU A 573 -29.64 -2.35 -15.26
N GLN A 574 -30.57 -1.51 -14.76
CA GLN A 574 -31.15 -0.39 -15.52
C GLN A 574 -30.10 0.70 -15.71
N GLU A 575 -29.36 1.05 -14.64
CA GLU A 575 -28.29 2.05 -14.66
C GLU A 575 -27.15 1.61 -15.58
N LYS A 576 -26.87 0.29 -15.62
CA LYS A 576 -25.84 -0.30 -16.48
C LYS A 576 -26.17 -0.14 -17.96
N ASP A 577 -27.42 -0.39 -18.34
CA ASP A 577 -27.89 -0.24 -19.74
C ASP A 577 -27.86 1.24 -20.10
N PHE A 578 -28.28 2.08 -19.14
CA PHE A 578 -28.29 3.53 -19.24
C PHE A 578 -26.87 4.04 -19.50
N LEU A 579 -25.90 3.76 -18.61
CA LEU A 579 -24.49 4.17 -18.73
C LEU A 579 -23.88 3.74 -20.06
N TRP A 580 -24.12 2.47 -20.48
CA TRP A 580 -23.58 1.94 -21.73
C TRP A 580 -24.13 2.67 -22.97
N SER A 581 -25.43 2.90 -23.02
CA SER A 581 -26.06 3.60 -24.14
C SER A 581 -25.61 5.07 -24.23
N HIS A 582 -25.17 5.65 -23.11
CA HIS A 582 -24.69 7.03 -23.06
C HIS A 582 -23.16 7.10 -22.91
N ARG A 583 -22.45 6.01 -23.25
CA ARG A 583 -20.98 5.90 -23.15
C ARG A 583 -20.21 7.08 -23.79
N HIS A 584 -20.70 7.65 -24.91
CA HIS A 584 -20.01 8.76 -25.59
C HIS A 584 -20.13 10.06 -24.84
N TYR A 585 -21.28 10.29 -24.14
CA TYR A 585 -21.44 11.46 -23.29
C TYR A 585 -20.56 11.29 -22.01
N CYS A 586 -20.35 10.02 -21.57
CA CYS A 586 -19.56 9.67 -20.39
C CYS A 586 -18.11 10.19 -20.46
N VAL A 587 -17.59 10.38 -21.68
CA VAL A 587 -16.24 10.90 -21.97
C VAL A 587 -16.12 12.36 -21.43
N THR A 588 -17.24 13.12 -21.43
CA THR A 588 -17.31 14.52 -20.95
C THR A 588 -17.27 14.63 -19.40
N ILE A 589 -17.48 13.51 -18.70
CA ILE A 589 -17.43 13.37 -17.24
C ILE A 589 -16.49 12.16 -17.00
N PRO A 590 -15.17 12.32 -17.28
CA PRO A 590 -14.28 11.15 -17.29
C PRO A 590 -14.14 10.32 -16.01
N GLU A 591 -14.47 10.88 -14.83
CA GLU A 591 -14.39 10.20 -13.53
C GLU A 591 -15.44 9.07 -13.37
N ILE A 592 -16.39 8.98 -14.31
CA ILE A 592 -17.44 7.95 -14.34
C ILE A 592 -16.91 6.62 -14.89
N LEU A 593 -15.71 6.64 -15.53
CA LEU A 593 -15.10 5.44 -16.14
C LEU A 593 -15.26 4.15 -15.30
N PRO A 594 -14.92 4.11 -13.97
CA PRO A 594 -15.12 2.86 -13.20
C PRO A 594 -16.54 2.29 -13.24
N LYS A 595 -17.57 3.16 -13.27
CA LYS A 595 -18.99 2.77 -13.31
C LYS A 595 -19.36 2.29 -14.72
N LEU A 596 -18.87 3.01 -15.74
CA LEU A 596 -19.10 2.65 -17.13
C LEU A 596 -18.51 1.25 -17.46
N LEU A 597 -17.34 0.94 -16.89
CA LEU A 597 -16.66 -0.33 -17.11
C LEU A 597 -17.37 -1.51 -16.44
N LEU A 598 -18.03 -1.27 -15.31
CA LEU A 598 -18.77 -2.33 -14.64
C LEU A 598 -20.14 -2.58 -15.30
N SER A 599 -20.54 -1.70 -16.23
CA SER A 599 -21.77 -1.72 -17.03
C SER A 599 -21.59 -2.38 -18.41
N VAL A 600 -20.34 -2.69 -18.80
CA VAL A 600 -19.99 -3.31 -20.09
C VAL A 600 -20.34 -4.78 -20.04
N LYS A 601 -20.82 -5.34 -21.14
CA LYS A 601 -21.10 -6.75 -21.26
C LYS A 601 -19.78 -7.32 -21.73
N TRP A 602 -18.96 -7.76 -20.77
CA TRP A 602 -17.63 -8.27 -21.04
C TRP A 602 -17.62 -9.59 -21.84
N ASN A 603 -18.78 -10.22 -22.03
CA ASN A 603 -18.91 -11.43 -22.85
C ASN A 603 -19.47 -11.10 -24.25
N SER A 604 -19.41 -9.80 -24.65
CA SER A 604 -19.83 -9.33 -25.97
C SER A 604 -18.63 -8.65 -26.63
N ARG A 605 -18.05 -9.27 -27.67
CA ARG A 605 -16.88 -8.69 -28.36
C ARG A 605 -17.21 -7.35 -29.01
N ASP A 606 -18.49 -7.19 -29.42
CA ASP A 606 -19.04 -6.00 -30.08
C ASP A 606 -18.94 -4.81 -29.13
N GLU A 607 -19.34 -5.01 -27.87
CA GLU A 607 -19.27 -3.99 -26.83
C GLU A 607 -17.85 -3.78 -26.34
N VAL A 608 -17.12 -4.87 -26.07
CA VAL A 608 -15.75 -4.81 -25.57
C VAL A 608 -14.84 -4.06 -26.55
N ALA A 609 -14.93 -4.38 -27.87
CA ALA A 609 -14.15 -3.72 -28.93
C ALA A 609 -14.35 -2.19 -28.89
N GLN A 610 -15.61 -1.74 -28.68
CA GLN A 610 -15.97 -0.32 -28.55
C GLN A 610 -15.44 0.32 -27.27
N MET A 611 -15.47 -0.43 -26.14
CA MET A 611 -14.93 0.01 -24.85
C MET A 611 -13.42 0.26 -24.96
N TYR A 612 -12.72 -0.63 -25.67
CA TYR A 612 -11.27 -0.52 -25.95
C TYR A 612 -10.94 0.81 -26.59
N CYS A 613 -11.68 1.19 -27.63
CA CYS A 613 -11.47 2.44 -28.35
C CYS A 613 -11.82 3.66 -27.53
N LEU A 614 -12.83 3.53 -26.63
CA LEU A 614 -13.17 4.63 -25.74
C LEU A 614 -12.07 4.84 -24.69
N VAL A 615 -11.47 3.76 -24.17
CA VAL A 615 -10.41 3.80 -23.17
C VAL A 615 -9.12 4.32 -23.81
N LYS A 616 -8.84 3.88 -25.08
CA LYS A 616 -7.66 4.26 -25.86
C LYS A 616 -7.46 5.79 -25.84
N ASP A 617 -8.57 6.54 -26.02
CA ASP A 617 -8.57 7.99 -26.07
C ASP A 617 -9.25 8.64 -24.85
N TRP A 618 -9.50 7.87 -23.74
CA TRP A 618 -10.17 8.39 -22.53
C TRP A 618 -9.41 9.54 -21.87
N PRO A 619 -10.09 10.65 -21.49
CA PRO A 619 -9.38 11.75 -20.82
C PRO A 619 -8.72 11.30 -19.52
N PRO A 620 -7.59 11.93 -19.14
CA PRO A 620 -6.93 11.49 -17.91
C PRO A 620 -7.77 11.81 -16.68
N ILE A 621 -7.65 10.97 -15.65
CA ILE A 621 -8.34 11.15 -14.37
C ILE A 621 -7.26 11.22 -13.27
N LYS A 622 -7.62 11.76 -12.08
CA LYS A 622 -6.72 11.89 -10.91
C LYS A 622 -6.06 10.54 -10.58
N PRO A 623 -4.77 10.54 -10.17
CA PRO A 623 -4.13 9.27 -9.82
C PRO A 623 -4.92 8.44 -8.81
N GLU A 624 -5.54 9.09 -7.79
CA GLU A 624 -6.36 8.42 -6.76
C GLU A 624 -7.62 7.82 -7.34
N GLN A 625 -8.13 8.38 -8.47
CA GLN A 625 -9.28 7.85 -9.20
C GLN A 625 -8.82 6.67 -10.07
N ALA A 626 -7.63 6.79 -10.71
CA ALA A 626 -7.05 5.74 -11.55
C ALA A 626 -6.65 4.51 -10.75
N MET A 627 -6.25 4.67 -9.48
CA MET A 627 -5.85 3.57 -8.59
C MET A 627 -6.95 2.53 -8.46
N GLU A 628 -8.23 2.97 -8.40
CA GLU A 628 -9.41 2.08 -8.34
C GLU A 628 -9.39 1.06 -9.50
N LEU A 629 -8.96 1.50 -10.70
CA LEU A 629 -8.89 0.70 -11.93
C LEU A 629 -7.78 -0.35 -11.97
N LEU A 630 -7.05 -0.49 -10.86
CA LEU A 630 -5.97 -1.46 -10.72
C LEU A 630 -6.35 -2.53 -9.71
N ASP A 631 -7.51 -2.38 -9.05
CA ASP A 631 -8.00 -3.39 -8.11
C ASP A 631 -8.62 -4.63 -8.84
N CYS A 632 -9.17 -5.58 -8.07
CA CYS A 632 -9.68 -6.87 -8.56
C CYS A 632 -10.95 -6.78 -9.44
N ASN A 633 -11.64 -5.64 -9.42
CA ASN A 633 -12.81 -5.43 -10.26
C ASN A 633 -12.44 -5.07 -11.69
N TYR A 634 -11.14 -4.82 -11.99
CA TYR A 634 -10.75 -4.39 -13.33
C TYR A 634 -9.62 -5.23 -13.88
N PRO A 635 -9.95 -6.45 -14.41
CA PRO A 635 -8.88 -7.34 -14.91
C PRO A 635 -8.37 -7.04 -16.32
N ASP A 636 -9.14 -6.25 -17.11
CA ASP A 636 -8.79 -5.94 -18.49
C ASP A 636 -7.49 -5.16 -18.62
N PRO A 637 -6.55 -5.64 -19.47
CA PRO A 637 -5.24 -4.96 -19.60
C PRO A 637 -5.26 -3.56 -20.25
N MET A 638 -6.30 -3.24 -21.04
CA MET A 638 -6.44 -1.93 -21.68
C MET A 638 -6.84 -0.91 -20.63
N VAL A 639 -7.71 -1.35 -19.71
CA VAL A 639 -8.22 -0.60 -18.59
C VAL A 639 -7.05 -0.31 -17.63
N ARG A 640 -6.32 -1.36 -17.26
CA ARG A 640 -5.18 -1.30 -16.35
C ARG A 640 -4.05 -0.45 -16.92
N GLY A 641 -3.84 -0.52 -18.25
CA GLY A 641 -2.85 0.26 -19.00
C GLY A 641 -3.14 1.74 -18.94
N PHE A 642 -4.44 2.12 -19.01
CA PHE A 642 -4.92 3.50 -18.93
C PHE A 642 -4.61 4.04 -17.54
N ALA A 643 -4.92 3.24 -16.50
CA ALA A 643 -4.68 3.56 -15.07
C ALA A 643 -3.21 3.87 -14.85
N VAL A 644 -2.32 2.97 -15.32
CA VAL A 644 -0.87 3.15 -15.21
C VAL A 644 -0.40 4.45 -15.90
N ARG A 645 -0.95 4.79 -17.09
CA ARG A 645 -0.63 6.02 -17.82
C ARG A 645 -0.99 7.30 -17.02
N CYS A 646 -2.12 7.27 -16.28
CA CYS A 646 -2.55 8.36 -15.39
C CYS A 646 -1.54 8.53 -14.27
N LEU A 647 -1.02 7.39 -13.75
CA LEU A 647 -0.02 7.38 -12.68
C LEU A 647 1.29 7.91 -13.22
N GLU A 648 1.70 7.50 -14.44
CA GLU A 648 2.93 7.97 -15.08
C GLU A 648 2.92 9.46 -15.30
N LYS A 649 1.77 10.04 -15.67
CA LYS A 649 1.65 11.46 -15.95
C LYS A 649 1.42 12.33 -14.72
N TYR A 650 0.67 11.84 -13.72
CA TYR A 650 0.26 12.72 -12.62
C TYR A 650 0.60 12.28 -11.19
N LEU A 651 1.18 11.10 -11.00
CA LEU A 651 1.49 10.68 -9.63
C LEU A 651 2.87 11.13 -9.23
N THR A 652 2.95 12.02 -8.22
CA THR A 652 4.22 12.52 -7.69
C THR A 652 4.91 11.41 -6.91
N ASP A 653 6.25 11.48 -6.77
CA ASP A 653 7.03 10.51 -6.00
C ASP A 653 6.55 10.42 -4.55
N ASP A 654 6.14 11.58 -3.96
CA ASP A 654 5.57 11.72 -2.62
C ASP A 654 4.34 10.81 -2.49
N LYS A 655 3.35 10.97 -3.41
CA LYS A 655 2.12 10.17 -3.40
C LYS A 655 2.39 8.73 -3.73
N LEU A 656 3.36 8.46 -4.61
CA LEU A 656 3.77 7.11 -4.93
C LEU A 656 4.22 6.43 -3.63
N SER A 657 5.14 7.08 -2.85
CA SER A 657 5.61 6.64 -1.55
C SER A 657 4.43 6.41 -0.59
N GLN A 658 3.51 7.37 -0.51
CA GLN A 658 2.32 7.26 0.32
C GLN A 658 1.46 6.01 0.00
N TYR A 659 1.28 5.67 -1.28
CA TYR A 659 0.41 4.56 -1.70
C TYR A 659 1.14 3.34 -2.17
N LEU A 660 2.44 3.22 -1.85
CA LEU A 660 3.28 2.12 -2.29
C LEU A 660 2.76 0.74 -1.86
N ILE A 661 2.27 0.58 -0.62
CA ILE A 661 1.69 -0.69 -0.15
C ILE A 661 0.53 -1.13 -1.06
N GLN A 662 -0.38 -0.22 -1.42
CA GLN A 662 -1.50 -0.55 -2.32
C GLN A 662 -1.01 -0.93 -3.72
N LEU A 663 -0.05 -0.16 -4.29
CA LEU A 663 0.47 -0.41 -5.64
C LEU A 663 1.24 -1.71 -5.72
N VAL A 664 1.94 -2.09 -4.64
CA VAL A 664 2.63 -3.38 -4.56
C VAL A 664 1.58 -4.51 -4.47
N GLN A 665 0.49 -4.33 -3.70
CA GLN A 665 -0.55 -5.34 -3.58
C GLN A 665 -1.25 -5.64 -4.86
N VAL A 666 -1.57 -4.60 -5.64
CA VAL A 666 -2.37 -4.75 -6.85
C VAL A 666 -1.58 -5.48 -8.00
N LEU A 667 -0.26 -5.70 -7.82
CA LEU A 667 0.62 -6.47 -8.71
C LEU A 667 0.15 -7.92 -8.76
N LYS A 668 -0.41 -8.40 -7.65
CA LYS A 668 -0.93 -9.74 -7.48
C LYS A 668 -2.14 -10.01 -8.37
N TYR A 669 -2.87 -8.96 -8.76
CA TYR A 669 -4.05 -9.04 -9.61
C TYR A 669 -3.69 -9.05 -11.08
N GLU A 670 -2.41 -8.92 -11.42
CA GLU A 670 -1.98 -8.93 -12.81
C GLU A 670 -2.00 -10.38 -13.33
N GLN A 671 -2.52 -10.59 -14.54
CA GLN A 671 -2.61 -11.93 -15.15
C GLN A 671 -1.17 -12.46 -15.40
N TYR A 672 -0.26 -11.57 -15.87
CA TYR A 672 1.10 -11.92 -16.27
C TYR A 672 2.22 -11.25 -15.46
N LEU A 673 3.40 -11.85 -15.53
CA LEU A 673 4.61 -11.41 -14.86
C LEU A 673 5.04 -10.07 -15.42
N ASP A 674 5.06 -9.96 -16.77
CA ASP A 674 5.40 -8.77 -17.54
C ASP A 674 4.15 -7.98 -17.85
N ASN A 675 4.03 -6.79 -17.25
CA ASN A 675 2.88 -5.88 -17.43
C ASN A 675 3.34 -4.43 -17.25
N LEU A 676 2.46 -3.46 -17.59
CA LEU A 676 2.74 -2.02 -17.53
C LEU A 676 2.92 -1.49 -16.12
N LEU A 677 2.17 -2.04 -15.16
CA LEU A 677 2.24 -1.62 -13.76
C LEU A 677 3.59 -1.97 -13.15
N VAL A 678 4.03 -3.24 -13.26
CA VAL A 678 5.33 -3.69 -12.77
C VAL A 678 6.49 -2.90 -13.40
N ARG A 679 6.36 -2.51 -14.69
CA ARG A 679 7.40 -1.74 -15.41
C ARG A 679 7.51 -0.32 -14.85
N PHE A 680 6.36 0.29 -14.58
CA PHE A 680 6.23 1.59 -13.96
C PHE A 680 6.84 1.58 -12.55
N LEU A 681 6.43 0.60 -11.71
CA LEU A 681 6.89 0.50 -10.32
C LEU A 681 8.37 0.22 -10.25
N LEU A 682 8.86 -0.72 -11.07
CA LEU A 682 10.28 -1.02 -11.11
C LEU A 682 11.12 0.19 -11.54
N LYS A 683 10.67 0.96 -12.56
CA LYS A 683 11.42 2.15 -13.03
C LYS A 683 11.52 3.21 -11.93
N LYS A 684 10.42 3.42 -11.21
CA LYS A 684 10.40 4.36 -10.09
C LYS A 684 11.31 3.90 -8.93
N ALA A 685 11.31 2.59 -8.60
CA ALA A 685 12.17 2.02 -7.56
C ALA A 685 13.64 2.13 -7.94
N LEU A 686 13.94 2.06 -9.24
CA LEU A 686 15.30 2.13 -9.77
C LEU A 686 15.77 3.56 -10.08
N THR A 687 14.88 4.57 -9.95
CA THR A 687 15.26 5.98 -10.15
C THR A 687 15.05 6.85 -8.88
N ASN A 688 14.59 6.24 -7.78
CA ASN A 688 14.36 6.90 -6.49
C ASN A 688 14.64 5.86 -5.43
N GLN A 689 15.73 6.04 -4.69
CA GLN A 689 16.15 5.07 -3.68
C GLN A 689 15.24 5.03 -2.45
N ARG A 690 14.52 6.13 -2.13
CA ARG A 690 13.57 6.15 -1.00
C ARG A 690 12.39 5.22 -1.34
N ILE A 691 11.92 5.28 -2.62
CA ILE A 691 10.85 4.42 -3.17
C ILE A 691 11.42 2.97 -3.28
N GLY A 692 12.61 2.84 -3.85
CA GLY A 692 13.34 1.58 -4.02
C GLY A 692 13.50 0.78 -2.74
N HIS A 693 13.83 1.48 -1.63
CA HIS A 693 13.98 0.92 -0.28
C HIS A 693 12.69 0.19 0.17
N PHE A 694 11.55 0.89 0.18
CA PHE A 694 10.26 0.32 0.62
C PHE A 694 9.70 -0.69 -0.38
N PHE A 695 10.02 -0.51 -1.68
CA PHE A 695 9.63 -1.43 -2.76
C PHE A 695 10.23 -2.78 -2.42
N PHE A 696 11.58 -2.81 -2.18
CA PHE A 696 12.35 -3.99 -1.75
C PHE A 696 11.73 -4.63 -0.50
N TRP A 697 11.49 -3.86 0.58
CA TRP A 697 10.97 -4.40 1.83
C TRP A 697 9.54 -4.97 1.76
N HIS A 698 8.61 -4.32 1.02
CA HIS A 698 7.24 -4.80 0.80
C HIS A 698 7.22 -6.13 0.06
N LEU A 699 8.10 -6.28 -0.93
CA LEU A 699 8.23 -7.51 -1.70
C LEU A 699 8.91 -8.59 -0.88
N LYS A 700 9.99 -8.24 -0.17
CA LYS A 700 10.74 -9.17 0.68
C LYS A 700 9.88 -9.68 1.83
N SER A 701 9.09 -8.80 2.48
CA SER A 701 8.22 -9.23 3.57
C SER A 701 7.22 -10.35 3.18
N GLU A 702 6.91 -10.52 1.89
CA GLU A 702 5.97 -11.54 1.42
C GLU A 702 6.60 -12.76 0.70
N MET A 703 7.91 -12.91 0.76
CA MET A 703 8.64 -14.00 0.10
C MET A 703 8.36 -15.41 0.65
N HIS A 704 7.68 -15.51 1.81
CA HIS A 704 7.30 -16.76 2.48
C HIS A 704 5.96 -17.24 1.90
N ASN A 705 5.19 -16.32 1.31
CA ASN A 705 3.89 -16.52 0.71
C ASN A 705 4.07 -17.09 -0.70
N LYS A 706 3.73 -18.39 -0.87
CA LYS A 706 3.91 -19.18 -2.10
C LYS A 706 2.94 -18.81 -3.22
N THR A 707 1.94 -18.02 -2.92
CA THR A 707 0.96 -17.45 -3.86
C THR A 707 1.67 -16.34 -4.67
N VAL A 708 2.75 -15.70 -4.10
CA VAL A 708 3.45 -14.57 -4.73
C VAL A 708 4.99 -14.68 -4.78
N SER A 709 5.61 -15.68 -4.12
CA SER A 709 7.09 -15.80 -4.04
C SER A 709 7.80 -15.87 -5.42
N GLN A 710 7.19 -16.46 -6.47
CA GLN A 710 7.86 -16.47 -7.78
C GLN A 710 7.79 -15.06 -8.40
N ARG A 711 6.59 -14.46 -8.42
CA ARG A 711 6.39 -13.11 -8.93
C ARG A 711 7.32 -12.09 -8.27
N PHE A 712 7.32 -12.05 -6.93
CA PHE A 712 8.08 -11.13 -6.09
C PHE A 712 9.56 -11.44 -6.13
N GLY A 713 9.89 -12.72 -6.19
CA GLY A 713 11.27 -13.19 -6.29
C GLY A 713 11.91 -12.75 -7.60
N LEU A 714 11.16 -12.87 -8.71
CA LEU A 714 11.66 -12.47 -10.04
C LEU A 714 11.79 -10.96 -10.12
N LEU A 715 10.83 -10.24 -9.54
CA LEU A 715 10.84 -8.79 -9.46
C LEU A 715 11.99 -8.32 -8.60
N LEU A 716 12.22 -8.96 -7.45
CA LEU A 716 13.37 -8.62 -6.59
C LEU A 716 14.72 -8.84 -7.29
N GLU A 717 14.84 -9.92 -8.11
CA GLU A 717 16.07 -10.21 -8.86
C GLU A 717 16.39 -9.06 -9.85
N SER A 718 15.37 -8.59 -10.61
CA SER A 718 15.50 -7.45 -11.52
C SER A 718 15.86 -6.16 -10.76
N TYR A 719 15.25 -5.93 -9.59
CA TYR A 719 15.52 -4.75 -8.76
C TYR A 719 16.99 -4.77 -8.28
N CYS A 720 17.44 -5.93 -7.74
CA CYS A 720 18.78 -6.15 -7.19
C CYS A 720 19.89 -6.08 -8.24
N ARG A 721 19.62 -6.36 -9.52
CA ARG A 721 20.63 -6.24 -10.57
C ARG A 721 20.92 -4.78 -10.95
N ALA A 722 19.91 -3.90 -10.89
CA ALA A 722 20.05 -2.53 -11.33
C ALA A 722 20.03 -1.45 -10.24
N CYS A 723 19.78 -1.79 -8.96
CA CYS A 723 19.70 -0.75 -7.93
C CYS A 723 21.06 -0.13 -7.56
N GLY A 724 22.13 -0.81 -7.93
CA GLY A 724 23.48 -0.34 -7.68
C GLY A 724 24.00 -0.74 -6.31
N MET A 725 24.78 0.18 -5.72
CA MET A 725 25.42 0.05 -4.42
C MET A 725 24.45 -0.19 -3.28
N TYR A 726 23.18 0.23 -3.45
CA TYR A 726 22.18 0.03 -2.43
C TYR A 726 21.94 -1.46 -2.09
N LEU A 727 22.25 -2.40 -3.03
CA LEU A 727 22.16 -3.83 -2.76
C LEU A 727 23.00 -4.17 -1.51
N LYS A 728 24.26 -3.69 -1.47
CA LYS A 728 25.21 -3.91 -0.39
C LYS A 728 24.69 -3.43 0.96
N HIS A 729 24.01 -2.25 0.96
CA HIS A 729 23.37 -1.66 2.13
C HIS A 729 22.13 -2.42 2.58
N LEU A 730 21.36 -2.93 1.63
CA LEU A 730 20.17 -3.74 1.87
C LEU A 730 20.56 -5.06 2.51
N ASN A 731 21.65 -5.68 2.03
CA ASN A 731 22.20 -6.93 2.56
C ASN A 731 22.63 -6.83 4.02
N ARG A 732 23.03 -5.62 4.47
CA ARG A 732 23.39 -5.30 5.86
C ARG A 732 22.10 -5.33 6.71
N GLN A 733 21.02 -4.72 6.21
CA GLN A 733 19.72 -4.68 6.86
C GLN A 733 19.10 -6.06 6.90
N VAL A 734 19.18 -6.84 5.78
CA VAL A 734 18.70 -8.22 5.70
C VAL A 734 19.47 -9.04 6.74
N GLU A 735 20.81 -8.93 6.80
CA GLU A 735 21.57 -9.72 7.78
C GLU A 735 21.24 -9.36 9.22
N ALA A 736 21.06 -8.06 9.53
CA ALA A 736 20.69 -7.61 10.87
C ALA A 736 19.32 -8.18 11.28
N MET A 737 18.32 -8.16 10.37
CA MET A 737 16.97 -8.70 10.62
C MET A 737 16.98 -10.21 10.80
N GLU A 738 17.79 -10.93 9.97
CA GLU A 738 17.96 -12.39 10.04
C GLU A 738 18.49 -12.77 11.45
N LYS A 739 19.54 -12.07 11.96
CA LYS A 739 20.11 -12.34 13.27
C LYS A 739 19.08 -12.10 14.36
N LEU A 740 18.26 -11.05 14.22
CA LEU A 740 17.21 -10.69 15.17
C LEU A 740 16.07 -11.70 15.15
N ILE A 741 15.72 -12.23 13.98
CA ILE A 741 14.70 -13.29 13.84
C ILE A 741 15.26 -14.53 14.56
N ASN A 742 16.55 -14.85 14.33
CA ASN A 742 17.20 -16.01 14.94
C ASN A 742 17.16 -15.99 16.46
N LEU A 743 17.57 -14.85 17.06
CA LEU A 743 17.59 -14.68 18.52
C LEU A 743 16.22 -14.79 19.16
N THR A 744 15.21 -14.08 18.60
CA THR A 744 13.84 -14.09 19.10
C THR A 744 13.21 -15.48 18.94
N ASP A 745 13.54 -16.20 17.84
CA ASP A 745 13.05 -17.57 17.60
C ASP A 745 13.59 -18.52 18.65
N ILE A 746 14.85 -18.35 19.09
CA ILE A 746 15.43 -19.15 20.16
C ILE A 746 14.67 -18.85 21.48
N LEU A 747 14.58 -17.55 21.88
CA LEU A 747 13.88 -17.09 23.07
C LEU A 747 12.43 -17.57 23.19
N LYS A 748 11.75 -17.85 22.06
CA LYS A 748 10.35 -18.31 22.12
C LYS A 748 10.20 -19.84 22.00
N GLN A 749 11.31 -20.58 21.73
CA GLN A 749 11.26 -22.04 21.59
C GLN A 749 12.18 -22.80 22.54
N GLU A 750 13.28 -22.15 23.01
CA GLU A 750 14.30 -22.71 23.89
C GLU A 750 14.35 -22.07 25.28
N LYS A 751 14.19 -20.74 25.36
CA LYS A 751 14.29 -20.00 26.63
C LYS A 751 12.97 -19.30 27.06
N LYS A 752 11.81 -19.74 26.53
CA LYS A 752 10.47 -19.17 26.80
C LYS A 752 10.07 -19.06 28.30
N ASP A 753 10.34 -20.10 29.10
CA ASP A 753 9.92 -20.16 30.51
C ASP A 753 10.88 -19.52 31.53
N GLU A 754 12.12 -19.15 31.09
CA GLU A 754 13.12 -18.52 31.96
C GLU A 754 12.76 -17.08 32.33
N THR A 755 13.32 -16.55 33.42
CA THR A 755 13.04 -15.17 33.86
C THR A 755 13.65 -14.13 32.87
N GLN A 756 13.15 -12.88 32.97
CA GLN A 756 13.60 -11.74 32.19
C GLN A 756 15.14 -11.54 32.37
N LYS A 757 15.64 -11.62 33.61
CA LYS A 757 17.04 -11.49 33.97
C LYS A 757 17.91 -12.54 33.24
N VAL A 758 17.43 -13.82 33.22
CA VAL A 758 18.08 -14.99 32.61
C VAL A 758 18.10 -14.85 31.09
N GLN A 759 16.95 -14.50 30.51
CA GLN A 759 16.77 -14.33 29.07
C GLN A 759 17.65 -13.22 28.52
N MET A 760 17.78 -12.13 29.28
CA MET A 760 18.59 -10.96 28.95
C MET A 760 20.08 -11.30 28.95
N LYS A 761 20.52 -12.14 29.91
CA LYS A 761 21.88 -12.65 30.03
C LYS A 761 22.23 -13.46 28.77
N PHE A 762 21.33 -14.36 28.32
CA PHE A 762 21.52 -15.17 27.11
C PHE A 762 21.62 -14.28 25.88
N LEU A 763 20.75 -13.26 25.80
CA LEU A 763 20.65 -12.30 24.71
C LEU A 763 21.94 -11.51 24.53
N VAL A 764 22.39 -10.86 25.61
CA VAL A 764 23.59 -10.03 25.67
C VAL A 764 24.86 -10.87 25.32
N GLU A 765 24.91 -12.14 25.79
CA GLU A 765 26.00 -13.06 25.47
C GLU A 765 26.01 -13.40 23.98
N GLN A 766 24.84 -13.60 23.40
CA GLN A 766 24.68 -13.93 21.98
C GLN A 766 25.00 -12.71 21.12
N MET A 767 24.45 -11.55 21.48
CA MET A 767 24.67 -10.30 20.75
C MET A 767 26.11 -9.82 20.74
N ARG A 768 26.90 -10.16 21.78
CA ARG A 768 28.30 -9.78 21.92
C ARG A 768 29.26 -10.67 21.12
N ARG A 769 28.75 -11.75 20.46
CA ARG A 769 29.56 -12.61 19.58
C ARG A 769 30.01 -11.74 18.39
N PRO A 770 31.32 -11.73 18.01
CA PRO A 770 31.81 -10.79 16.97
C PRO A 770 31.05 -10.74 15.64
N ASP A 771 30.59 -11.90 15.13
CA ASP A 771 29.79 -12.04 13.90
C ASP A 771 28.44 -11.31 14.02
N PHE A 772 27.70 -11.54 15.16
CA PHE A 772 26.41 -10.94 15.51
C PHE A 772 26.57 -9.46 15.80
N MET A 773 27.55 -9.10 16.65
CA MET A 773 27.83 -7.72 17.05
C MET A 773 28.05 -6.85 15.81
N ASP A 774 28.84 -7.34 14.84
CA ASP A 774 29.07 -6.61 13.61
C ASP A 774 27.81 -6.50 12.73
N ALA A 775 26.98 -7.56 12.69
CA ALA A 775 25.75 -7.60 11.90
C ALA A 775 24.65 -6.71 12.46
N LEU A 776 24.63 -6.48 13.80
CA LEU A 776 23.62 -5.70 14.50
C LEU A 776 24.01 -4.23 14.73
N GLN A 777 25.11 -3.77 14.13
CA GLN A 777 25.57 -2.37 14.26
C GLN A 777 26.05 -1.87 12.90
N GLY A 778 25.92 -0.57 12.63
CA GLY A 778 26.44 0.07 11.44
C GLY A 778 25.71 -0.24 10.15
N PHE A 779 24.40 -0.05 10.14
CA PHE A 779 23.54 -0.25 8.98
C PHE A 779 22.44 0.82 8.99
N LEU A 780 21.64 0.90 7.93
CA LEU A 780 20.56 1.88 7.80
C LEU A 780 19.30 1.32 8.40
N SER A 781 18.51 2.18 9.04
CA SER A 781 17.25 1.74 9.62
C SER A 781 16.26 1.34 8.50
N PRO A 782 15.66 0.11 8.55
CA PRO A 782 14.68 -0.26 7.51
C PRO A 782 13.40 0.57 7.67
N LEU A 783 13.16 1.16 8.87
CA LEU A 783 12.00 2.01 9.10
C LEU A 783 12.11 3.35 8.36
N ASN A 784 13.36 3.85 8.19
CA ASN A 784 13.68 5.10 7.51
C ASN A 784 15.17 5.04 7.12
N PRO A 785 15.52 4.76 5.84
CA PRO A 785 16.93 4.63 5.45
C PRO A 785 17.81 5.90 5.57
N ALA A 786 17.21 7.07 5.87
CA ALA A 786 17.93 8.32 6.14
C ALA A 786 18.54 8.26 7.52
N HIS A 787 18.10 7.27 8.35
CA HIS A 787 18.58 7.06 9.72
C HIS A 787 19.67 6.01 9.79
N GLN A 788 20.85 6.41 10.22
CA GLN A 788 21.99 5.51 10.42
C GLN A 788 21.92 4.90 11.83
N LEU A 789 22.04 3.57 11.88
CA LEU A 789 22.07 2.82 13.13
C LEU A 789 23.55 2.50 13.38
N GLY A 790 24.16 3.21 14.33
CA GLY A 790 25.57 3.06 14.68
C GLY A 790 25.79 1.90 15.64
N ASN A 791 26.55 2.15 16.71
CA ASN A 791 26.81 1.12 17.72
C ASN A 791 25.57 0.83 18.56
N LEU A 792 25.29 -0.47 18.75
CA LEU A 792 24.17 -0.99 19.53
C LEU A 792 24.45 -0.73 21.01
N ARG A 793 23.54 -0.02 21.70
CA ARG A 793 23.65 0.31 23.13
C ARG A 793 22.96 -0.79 23.95
N LEU A 794 23.69 -1.91 24.16
CA LEU A 794 23.23 -3.12 24.86
C LEU A 794 22.60 -2.86 26.21
N GLU A 795 23.22 -1.99 27.03
CA GLU A 795 22.73 -1.62 28.37
C GLU A 795 21.30 -0.98 28.33
N GLU A 796 20.92 -0.41 27.18
CA GLU A 796 19.62 0.20 26.94
C GLU A 796 18.62 -0.75 26.26
N CYS A 797 19.10 -1.93 25.84
CA CYS A 797 18.26 -2.92 25.16
C CYS A 797 17.54 -3.75 26.22
N ARG A 798 16.33 -4.27 25.89
CA ARG A 798 15.54 -5.07 26.81
C ARG A 798 14.50 -5.93 26.13
N ILE A 799 14.09 -7.00 26.80
CA ILE A 799 13.00 -7.87 26.36
C ILE A 799 11.77 -7.26 27.04
N MET A 800 10.77 -6.84 26.24
CA MET A 800 9.54 -6.21 26.72
C MET A 800 8.57 -7.27 27.26
N SER A 801 7.88 -6.97 28.38
CA SER A 801 6.94 -7.91 29.02
C SER A 801 5.66 -8.18 28.22
N SER A 802 5.46 -7.42 27.13
CA SER A 802 4.30 -7.52 26.23
C SER A 802 4.17 -8.89 25.52
N ALA A 803 3.01 -9.09 24.85
CA ALA A 803 2.65 -10.26 24.06
C ALA A 803 3.70 -10.41 22.95
N LYS A 804 4.23 -11.64 22.79
CA LYS A 804 5.27 -12.07 21.85
C LYS A 804 6.66 -11.58 22.24
N ARG A 805 6.78 -11.04 23.49
CA ARG A 805 8.00 -10.50 24.11
C ARG A 805 8.92 -9.72 23.09
N PRO A 806 8.44 -8.54 22.60
CA PRO A 806 9.25 -7.76 21.64
C PRO A 806 10.56 -7.24 22.21
N LEU A 807 11.55 -6.97 21.33
CA LEU A 807 12.83 -6.45 21.77
C LEU A 807 12.84 -4.96 21.65
N TRP A 808 13.22 -4.29 22.73
CA TRP A 808 13.39 -2.86 22.77
C TRP A 808 14.88 -2.69 22.44
N LEU A 809 15.18 -2.10 21.29
CA LEU A 809 16.54 -1.93 20.81
C LEU A 809 16.92 -0.47 20.71
N ASN A 810 18.18 -0.19 21.01
CA ASN A 810 18.71 1.16 21.04
C ASN A 810 20.08 1.22 20.37
N TRP A 811 20.23 2.06 19.35
CA TRP A 811 21.51 2.30 18.68
C TRP A 811 21.89 3.74 18.80
N GLU A 812 23.18 4.02 18.71
CA GLU A 812 23.68 5.39 18.66
C GLU A 812 23.40 5.91 17.24
N ASN A 813 23.04 7.19 17.13
CA ASN A 813 22.91 7.83 15.83
C ASN A 813 24.35 8.36 15.60
N PRO A 814 25.16 7.77 14.67
CA PRO A 814 26.55 8.25 14.50
C PRO A 814 26.70 9.58 13.77
N ASP A 815 25.59 10.23 13.35
CA ASP A 815 25.63 11.52 12.66
C ASP A 815 26.33 12.56 13.52
N ILE A 816 27.25 13.36 12.92
CA ILE A 816 28.05 14.39 13.60
C ILE A 816 27.20 15.34 14.48
N MET A 817 26.00 15.69 13.98
CA MET A 817 25.09 16.61 14.65
C MET A 817 23.85 15.87 15.12
N SER A 818 24.04 14.66 15.72
CA SER A 818 22.94 13.83 16.21
C SER A 818 22.18 14.50 17.35
N GLU A 819 22.90 15.27 18.18
CA GLU A 819 22.31 16.02 19.29
C GLU A 819 21.16 16.96 18.85
N LEU A 820 21.22 17.46 17.60
CA LEU A 820 20.24 18.36 17.00
C LEU A 820 19.00 17.65 16.41
N LEU A 821 18.99 16.30 16.41
CA LEU A 821 17.85 15.50 15.95
C LEU A 821 17.49 14.54 17.08
N PHE A 822 18.29 13.48 17.24
CA PHE A 822 18.19 12.49 18.32
C PHE A 822 19.52 11.77 18.41
N GLN A 823 20.02 11.55 19.65
CA GLN A 823 21.30 10.87 19.86
C GLN A 823 21.20 9.34 19.85
N ASN A 824 20.00 8.80 20.11
CA ASN A 824 19.76 7.37 20.12
C ASN A 824 18.52 7.03 19.35
N ASN A 825 18.64 6.02 18.49
CA ASN A 825 17.56 5.55 17.65
C ASN A 825 16.99 4.28 18.29
N GLU A 826 15.78 4.38 18.82
CA GLU A 826 15.15 3.28 19.53
C GLU A 826 14.05 2.66 18.70
N ILE A 827 14.15 1.35 18.47
CA ILE A 827 13.20 0.60 17.67
C ILE A 827 12.75 -0.64 18.46
N ILE A 828 11.47 -1.02 18.28
CA ILE A 828 10.87 -2.21 18.88
C ILE A 828 10.85 -3.25 17.74
N PHE A 829 11.50 -4.39 17.97
CA PHE A 829 11.54 -5.48 17.00
C PHE A 829 10.56 -6.50 17.53
N LYS A 830 9.58 -6.90 16.73
CA LYS A 830 8.60 -7.85 17.24
C LYS A 830 8.46 -9.06 16.35
N ASN A 831 8.46 -10.25 16.95
CA ASN A 831 8.37 -11.52 16.25
C ASN A 831 7.19 -12.32 16.77
N GLY A 832 6.17 -12.51 15.94
CA GLY A 832 5.01 -13.31 16.29
C GLY A 832 3.64 -12.79 15.90
N ASP A 833 3.49 -11.47 15.79
CA ASP A 833 2.19 -10.88 15.42
C ASP A 833 2.24 -10.33 14.02
N ASP A 834 1.11 -10.42 13.30
CA ASP A 834 0.99 -9.88 11.95
C ASP A 834 0.85 -8.37 12.08
N LEU A 835 1.75 -7.63 11.41
CA LEU A 835 1.80 -6.16 11.50
C LEU A 835 1.23 -5.45 10.30
N ARG A 836 0.64 -6.18 9.37
CA ARG A 836 0.10 -5.60 8.14
C ARG A 836 -1.12 -4.69 8.37
N GLN A 837 -2.02 -5.05 9.32
CA GLN A 837 -3.20 -4.23 9.63
C GLN A 837 -2.78 -2.94 10.30
N ASP A 838 -1.72 -3.00 11.12
CA ASP A 838 -1.12 -1.83 11.78
C ASP A 838 -0.58 -0.83 10.75
N MET A 839 0.18 -1.35 9.75
N MET A 839 0.18 -1.34 9.74
CA MET A 839 0.82 -0.64 8.64
CA MET A 839 0.77 -0.53 8.66
C MET A 839 -0.23 0.12 7.79
C MET A 839 -0.33 0.22 7.90
N LEU A 840 -1.39 -0.51 7.53
CA LEU A 840 -2.50 0.06 6.75
C LEU A 840 -3.25 1.15 7.54
N THR A 841 -3.53 0.90 8.83
CA THR A 841 -4.21 1.81 9.74
C THR A 841 -3.36 3.06 9.92
N LEU A 842 -2.03 2.88 10.17
CA LEU A 842 -1.04 3.96 10.36
C LEU A 842 -0.92 4.84 9.14
N GLN A 843 -1.02 4.23 7.94
CA GLN A 843 -1.04 4.91 6.64
C GLN A 843 -2.33 5.76 6.51
N ILE A 844 -3.50 5.15 6.80
CA ILE A 844 -4.80 5.83 6.73
C ILE A 844 -4.86 7.00 7.73
N ILE A 845 -4.38 6.83 8.98
CA ILE A 845 -4.34 7.89 10.00
C ILE A 845 -3.60 9.13 9.43
N ARG A 846 -2.44 8.90 8.79
CA ARG A 846 -1.59 9.91 8.16
C ARG A 846 -2.34 10.63 7.01
N ILE A 847 -3.02 9.86 6.12
CA ILE A 847 -3.84 10.38 5.00
C ILE A 847 -4.95 11.25 5.57
N MET A 848 -5.61 10.78 6.65
CA MET A 848 -6.68 11.49 7.38
C MET A 848 -6.19 12.83 7.91
N GLU A 849 -5.04 12.83 8.61
CA GLU A 849 -4.38 14.02 9.16
C GLU A 849 -4.06 15.01 8.04
N ASN A 850 -3.52 14.51 6.92
CA ASN A 850 -3.19 15.30 5.72
C ASN A 850 -4.42 16.01 5.14
N ILE A 851 -5.57 15.32 5.13
CA ILE A 851 -6.84 15.88 4.67
C ILE A 851 -7.28 16.99 5.63
N TRP A 852 -7.23 16.72 6.95
CA TRP A 852 -7.60 17.68 7.99
C TRP A 852 -6.74 18.95 7.94
N GLN A 853 -5.41 18.78 7.90
CA GLN A 853 -4.46 19.89 7.82
C GLN A 853 -4.73 20.81 6.62
N ASN A 854 -4.99 20.25 5.44
CA ASN A 854 -5.30 21.01 4.22
C ASN A 854 -6.58 21.85 4.31
N GLN A 855 -7.58 21.41 5.11
CA GLN A 855 -8.85 22.11 5.30
C GLN A 855 -8.77 23.10 6.47
N GLY A 856 -7.56 23.35 6.96
CA GLY A 856 -7.29 24.23 8.09
C GLY A 856 -7.79 23.68 9.41
N LEU A 857 -7.86 22.33 9.51
CA LEU A 857 -8.35 21.60 10.67
C LEU A 857 -7.16 20.92 11.36
N ASP A 858 -6.51 21.68 12.25
CA ASP A 858 -5.30 21.28 12.96
C ASP A 858 -5.55 20.22 14.06
N LEU A 859 -5.61 18.96 13.66
CA LEU A 859 -5.77 17.82 14.58
C LEU A 859 -4.54 16.96 14.35
N ARG A 860 -3.55 17.13 15.23
CA ARG A 860 -2.26 16.47 15.12
C ARG A 860 -2.37 15.00 15.49
N MET A 861 -2.01 14.13 14.54
CA MET A 861 -2.04 12.68 14.73
C MET A 861 -0.60 12.19 14.87
N LEU A 862 -0.40 10.95 15.34
CA LEU A 862 0.94 10.38 15.45
C LEU A 862 1.01 9.05 14.69
N PRO A 863 1.14 9.13 13.34
CA PRO A 863 1.27 7.89 12.56
C PRO A 863 2.73 7.43 12.58
N TYR A 864 3.17 6.89 13.74
CA TYR A 864 4.54 6.39 13.92
C TYR A 864 4.87 5.29 12.88
N GLY A 865 6.14 5.07 12.63
CA GLY A 865 6.58 4.05 11.69
C GLY A 865 6.32 2.63 12.14
N CYS A 866 5.97 1.81 11.18
CA CYS A 866 5.72 0.39 11.34
C CYS A 866 5.95 -0.29 10.01
N LEU A 867 6.82 -1.30 10.04
CA LEU A 867 7.20 -2.04 8.85
C LEU A 867 7.20 -3.53 9.09
N SER A 868 6.40 -4.25 8.29
CA SER A 868 6.41 -5.72 8.24
C SER A 868 7.61 -6.11 7.36
N ILE A 869 8.54 -6.93 7.90
CA ILE A 869 9.78 -7.36 7.22
C ILE A 869 9.76 -8.86 6.84
N GLY A 870 8.75 -9.56 7.31
CA GLY A 870 8.59 -10.98 7.01
C GLY A 870 7.27 -11.48 7.50
N ASP A 871 7.14 -12.83 7.62
CA ASP A 871 5.93 -13.48 8.11
C ASP A 871 5.84 -13.22 9.62
N CYS A 872 4.86 -12.37 10.04
CA CYS A 872 4.60 -11.98 11.44
C CYS A 872 5.84 -11.47 12.18
N VAL A 873 6.71 -10.72 11.47
CA VAL A 873 7.92 -10.10 11.99
C VAL A 873 7.91 -8.65 11.50
N GLY A 874 8.34 -7.73 12.35
CA GLY A 874 8.45 -6.33 11.97
C GLY A 874 9.07 -5.38 12.98
N LEU A 875 9.13 -4.10 12.57
CA LEU A 875 9.70 -3.01 13.35
C LEU A 875 8.67 -1.93 13.66
N ILE A 876 8.73 -1.37 14.86
CA ILE A 876 7.87 -0.29 15.35
C ILE A 876 8.74 0.89 15.84
N GLU A 877 8.49 2.10 15.28
CA GLU A 877 9.18 3.33 15.67
C GLU A 877 8.71 3.71 17.06
N VAL A 878 9.68 3.95 17.96
CA VAL A 878 9.45 4.36 19.33
C VAL A 878 9.20 5.87 19.34
N VAL A 879 8.16 6.31 20.06
CA VAL A 879 7.85 7.73 20.24
C VAL A 879 8.43 8.09 21.61
N ARG A 880 9.50 8.91 21.62
N ARG A 880 9.51 8.90 21.62
CA ARG A 880 10.19 9.36 22.82
CA ARG A 880 10.21 9.34 22.83
C ARG A 880 9.28 10.24 23.66
C ARG A 880 9.34 10.27 23.66
N ASN A 881 9.46 10.13 25.00
CA ASN A 881 8.73 10.90 26.01
C ASN A 881 7.21 10.76 25.89
N SER A 882 6.76 9.52 25.58
CA SER A 882 5.37 9.12 25.47
C SER A 882 5.12 7.96 26.46
N HIS A 883 3.93 7.95 27.09
CA HIS A 883 3.60 6.97 28.12
C HIS A 883 2.15 6.56 28.01
N THR A 884 1.84 5.29 28.35
CA THR A 884 0.46 4.81 28.34
C THR A 884 -0.28 5.49 29.49
N ILE A 885 -1.61 5.59 29.39
CA ILE A 885 -2.46 6.16 30.44
C ILE A 885 -2.23 5.42 31.75
N MET A 886 -2.11 4.08 31.67
CA MET A 886 -1.83 3.22 32.80
C MET A 886 -0.50 3.58 33.45
N GLN A 887 0.56 3.86 32.65
CA GLN A 887 1.86 4.30 33.17
C GLN A 887 1.74 5.65 33.89
N ILE A 888 0.84 6.53 33.42
CA ILE A 888 0.58 7.85 33.99
C ILE A 888 -0.12 7.67 35.32
N GLN A 889 -1.27 6.96 35.33
CA GLN A 889 -2.07 6.77 36.54
C GLN A 889 -1.38 5.89 37.59
N CYS A 890 -0.49 4.97 37.19
CA CYS A 890 0.25 4.16 38.15
C CYS A 890 1.45 4.97 38.72
N LYS A 891 1.21 6.29 38.94
CA LYS A 891 2.05 7.38 39.46
C LYS A 891 3.54 7.07 39.51
N PHE A 900 -5.68 5.45 42.37
CA PHE A 900 -5.58 6.59 41.46
C PHE A 900 -6.94 7.25 41.18
N ASN A 901 -6.95 8.59 41.17
CA ASN A 901 -8.11 9.44 40.93
C ASN A 901 -8.35 9.65 39.40
N SER A 902 -9.53 10.21 39.02
CA SER A 902 -9.89 10.53 37.63
C SER A 902 -9.14 11.78 37.15
N HIS A 903 -8.59 12.56 38.10
CA HIS A 903 -7.84 13.80 37.90
C HIS A 903 -6.34 13.59 37.75
N THR A 904 -5.85 12.33 37.93
CA THR A 904 -4.43 11.95 37.84
C THR A 904 -3.79 12.37 36.52
N LEU A 905 -4.46 12.09 35.38
CA LEU A 905 -3.96 12.43 34.03
C LEU A 905 -3.81 13.96 33.87
N HIS A 906 -4.89 14.71 34.14
CA HIS A 906 -4.88 16.18 34.06
C HIS A 906 -3.82 16.80 34.99
N GLN A 907 -3.63 16.22 36.20
CA GLN A 907 -2.63 16.66 37.17
C GLN A 907 -1.23 16.40 36.63
N TRP A 908 -1.03 15.27 35.94
CA TRP A 908 0.23 14.88 35.32
C TRP A 908 0.61 15.88 34.20
N LEU A 909 -0.36 16.23 33.32
CA LEU A 909 -0.16 17.20 32.23
C LEU A 909 0.14 18.60 32.75
N LYS A 910 -0.56 19.02 33.83
CA LYS A 910 -0.40 20.31 34.51
C LYS A 910 1.02 20.40 35.08
N ASP A 911 1.52 19.28 35.63
CA ASP A 911 2.86 19.14 36.20
C ASP A 911 3.91 19.23 35.09
N LYS A 912 3.65 18.58 33.92
CA LYS A 912 4.52 18.57 32.74
C LYS A 912 4.48 19.88 31.93
N ASN A 913 3.42 20.69 32.10
CA ASN A 913 3.26 21.98 31.41
C ASN A 913 2.90 23.09 32.40
N LYS A 914 3.82 23.36 33.33
CA LYS A 914 3.62 24.39 34.34
C LYS A 914 3.78 25.78 33.69
N GLY A 915 3.02 26.75 34.20
CA GLY A 915 3.05 28.13 33.73
C GLY A 915 2.15 28.41 32.55
N GLU A 916 2.54 29.43 31.75
CA GLU A 916 1.83 29.90 30.55
C GLU A 916 1.59 28.84 29.49
N ILE A 917 2.53 27.88 29.33
CA ILE A 917 2.51 26.81 28.32
C ILE A 917 1.41 25.73 28.56
N TYR A 918 0.71 25.77 29.72
CA TYR A 918 -0.36 24.83 30.12
C TYR A 918 -1.50 24.73 29.09
N ASP A 919 -2.03 25.89 28.64
CA ASP A 919 -3.12 25.97 27.66
C ASP A 919 -2.79 25.27 26.34
N ALA A 920 -1.52 25.38 25.88
CA ALA A 920 -1.03 24.76 24.64
C ALA A 920 -1.12 23.23 24.69
N ALA A 921 -0.91 22.65 25.90
CA ALA A 921 -0.97 21.22 26.17
C ALA A 921 -2.40 20.71 26.13
N ILE A 922 -3.34 21.50 26.69
CA ILE A 922 -4.76 21.18 26.75
C ILE A 922 -5.30 21.24 25.34
N ASP A 923 -4.86 22.25 24.56
CA ASP A 923 -5.28 22.41 23.17
C ASP A 923 -4.77 21.26 22.33
N LEU A 924 -3.50 20.92 22.48
CA LEU A 924 -2.90 19.79 21.77
C LEU A 924 -3.61 18.48 22.15
N PHE A 925 -3.95 18.29 23.44
CA PHE A 925 -4.65 17.11 23.94
C PHE A 925 -6.05 16.99 23.37
N THR A 926 -6.85 18.05 23.46
CA THR A 926 -8.23 18.06 22.96
C THR A 926 -8.23 17.82 21.41
N ARG A 927 -7.28 18.42 20.65
CA ARG A 927 -7.16 18.29 19.19
C ARG A 927 -6.80 16.89 18.69
N SER A 928 -5.78 16.27 19.33
CA SER A 928 -5.28 14.92 19.01
C SER A 928 -6.32 13.87 19.46
N CYS A 929 -7.06 14.22 20.51
CA CYS A 929 -8.15 13.42 21.06
C CYS A 929 -9.29 13.36 20.05
N ALA A 930 -9.69 14.52 19.47
CA ALA A 930 -10.76 14.63 18.47
C ALA A 930 -10.44 13.81 17.24
N GLY A 931 -9.17 13.87 16.80
CA GLY A 931 -8.64 13.12 15.67
C GLY A 931 -8.73 11.64 15.90
N TYR A 932 -8.22 11.14 17.02
CA TYR A 932 -8.25 9.71 17.34
C TYR A 932 -9.68 9.20 17.62
N CYS A 933 -10.60 10.05 18.13
CA CYS A 933 -12.00 9.67 18.33
C CYS A 933 -12.65 9.34 17.00
N VAL A 934 -12.54 10.29 16.07
CA VAL A 934 -13.09 10.22 14.73
C VAL A 934 -12.40 9.12 13.90
N ALA A 935 -11.06 9.06 13.89
CA ALA A 935 -10.33 8.03 13.15
C ALA A 935 -10.71 6.61 13.58
N THR A 936 -10.69 6.31 14.90
CA THR A 936 -11.03 4.99 15.45
C THR A 936 -12.47 4.60 15.22
N PHE A 937 -13.41 5.57 15.31
CA PHE A 937 -14.83 5.27 15.08
C PHE A 937 -15.06 4.92 13.61
N ILE A 938 -14.48 5.69 12.68
CA ILE A 938 -14.63 5.41 11.24
C ILE A 938 -14.07 4.03 10.91
N LEU A 939 -12.81 3.79 11.31
CA LEU A 939 -12.05 2.60 10.97
C LEU A 939 -12.41 1.32 11.74
N GLY A 940 -13.15 1.43 12.85
CA GLY A 940 -13.55 0.29 13.68
C GLY A 940 -12.39 -0.46 14.30
N ILE A 941 -11.40 0.28 14.77
CA ILE A 941 -10.16 -0.20 15.42
C ILE A 941 -10.47 -1.00 16.72
N GLY A 942 -9.55 -1.88 17.14
CA GLY A 942 -9.71 -2.66 18.37
C GLY A 942 -9.92 -1.78 19.59
N ASP A 943 -10.74 -2.26 20.56
CA ASP A 943 -11.09 -1.54 21.78
C ASP A 943 -9.93 -0.86 22.48
N ARG A 944 -10.14 0.41 22.81
CA ARG A 944 -9.18 1.21 23.54
C ARG A 944 -9.25 0.95 25.03
N HIS A 945 -8.09 1.03 25.67
CA HIS A 945 -7.86 0.87 27.10
C HIS A 945 -6.59 1.63 27.47
N ASN A 946 -6.35 1.78 28.78
CA ASN A 946 -5.24 2.56 29.32
C ASN A 946 -3.84 2.04 28.94
N SER A 947 -3.75 0.85 28.32
CA SER A 947 -2.48 0.27 27.87
C SER A 947 -2.23 0.41 26.35
N ASN A 948 -3.21 0.96 25.59
CA ASN A 948 -3.04 1.19 24.16
C ASN A 948 -3.40 2.65 23.76
N ILE A 949 -3.40 3.54 24.75
CA ILE A 949 -3.60 4.98 24.54
C ILE A 949 -2.35 5.59 25.14
N MET A 950 -1.59 6.37 24.34
CA MET A 950 -0.35 6.99 24.82
C MET A 950 -0.45 8.49 24.77
N VAL A 951 0.32 9.17 25.64
CA VAL A 951 0.33 10.63 25.70
C VAL A 951 1.76 11.15 25.89
N LYS A 952 2.14 12.11 25.04
CA LYS A 952 3.45 12.75 25.10
C LYS A 952 3.39 13.81 26.21
N ASP A 953 4.57 14.24 26.73
CA ASP A 953 4.69 15.24 27.79
C ASP A 953 4.04 16.58 27.44
N ASP A 954 4.02 16.94 26.13
CA ASP A 954 3.44 18.19 25.64
C ASP A 954 1.90 18.14 25.49
N GLY A 955 1.29 16.98 25.75
CA GLY A 955 -0.15 16.76 25.66
C GLY A 955 -0.65 16.00 24.44
N GLN A 956 0.24 15.58 23.53
CA GLN A 956 -0.20 14.85 22.33
C GLN A 956 -0.66 13.42 22.64
N LEU A 957 -1.97 13.18 22.48
CA LEU A 957 -2.56 11.84 22.66
C LEU A 957 -2.46 11.10 21.36
N PHE A 958 -2.21 9.79 21.44
CA PHE A 958 -2.15 8.89 20.29
C PHE A 958 -2.46 7.48 20.70
N HIS A 959 -2.75 6.61 19.72
CA HIS A 959 -3.09 5.22 19.96
C HIS A 959 -2.04 4.33 19.34
N ILE A 960 -1.87 3.17 19.97
CA ILE A 960 -0.92 2.14 19.55
C ILE A 960 -1.68 0.82 19.41
N ASP A 961 -1.04 -0.19 18.82
CA ASP A 961 -1.62 -1.52 18.64
C ASP A 961 -2.94 -1.46 17.82
N PHE A 962 -2.79 -1.48 16.49
CA PHE A 962 -3.85 -1.45 15.49
C PHE A 962 -4.01 -2.83 14.78
N GLY A 963 -3.96 -3.90 15.58
CA GLY A 963 -4.08 -5.27 15.10
C GLY A 963 -5.46 -5.58 14.59
N HIS A 964 -6.47 -4.84 15.06
CA HIS A 964 -7.86 -5.03 14.66
C HIS A 964 -8.49 -3.80 14.07
N PHE A 965 -9.23 -3.97 12.98
CA PHE A 965 -9.96 -2.89 12.31
C PHE A 965 -11.24 -3.40 11.67
N LEU A 966 -12.00 -2.47 11.08
CA LEU A 966 -13.26 -2.69 10.36
C LEU A 966 -14.31 -3.42 11.22
N ASP A 967 -14.90 -4.48 10.68
CA ASP A 967 -15.97 -5.24 11.29
C ASP A 967 -15.45 -6.49 12.04
N HIS A 968 -14.38 -6.34 12.85
CA HIS A 968 -13.78 -7.48 13.56
C HIS A 968 -14.66 -8.10 14.67
N LYS A 969 -15.72 -7.39 15.11
CA LYS A 969 -16.66 -7.89 16.12
C LYS A 969 -18.01 -8.28 15.48
N LYS A 970 -18.01 -8.65 14.18
CA LYS A 970 -19.23 -9.04 13.43
C LYS A 970 -19.87 -10.34 13.95
N LYS A 971 -21.19 -10.43 13.82
CA LYS A 971 -22.01 -11.57 14.23
C LYS A 971 -22.79 -12.17 13.04
N LYS A 972 -23.36 -13.37 13.21
CA LYS A 972 -24.17 -14.06 12.19
C LYS A 972 -25.68 -13.90 12.41
N ARG A 977 -24.74 -2.45 16.06
CA ARG A 977 -24.06 -2.98 14.87
C ARG A 977 -22.69 -2.31 14.60
N GLU A 978 -22.51 -1.03 14.96
CA GLU A 978 -21.22 -0.31 14.85
C GLU A 978 -20.75 0.04 16.27
N ARG A 979 -19.43 0.05 16.49
CA ARG A 979 -18.86 0.30 17.81
C ARG A 979 -18.16 1.64 17.91
N VAL A 980 -17.90 2.08 19.15
CA VAL A 980 -17.13 3.28 19.47
C VAL A 980 -15.90 2.74 20.24
N PRO A 981 -14.77 2.48 19.52
CA PRO A 981 -13.57 1.91 20.18
C PRO A 981 -12.93 2.83 21.22
N PHE A 982 -13.00 4.16 20.97
CA PHE A 982 -12.44 5.17 21.86
C PHE A 982 -13.54 5.94 22.62
N VAL A 983 -13.82 5.43 23.82
CA VAL A 983 -14.81 5.99 24.73
C VAL A 983 -14.03 6.90 25.70
N LEU A 984 -14.37 8.17 25.67
CA LEU A 984 -13.79 9.21 26.49
C LEU A 984 -14.28 9.10 27.91
N THR A 985 -13.51 8.43 28.78
CA THR A 985 -13.83 8.29 30.20
C THR A 985 -13.68 9.66 30.88
N GLN A 986 -14.04 9.75 32.18
CA GLN A 986 -13.93 10.99 32.96
C GLN A 986 -12.52 11.60 32.92
N ASP A 987 -11.48 10.75 32.91
CA ASP A 987 -10.07 11.11 32.81
C ASP A 987 -9.78 12.06 31.64
N PHE A 988 -10.25 11.70 30.43
CA PHE A 988 -10.03 12.49 29.22
C PHE A 988 -10.79 13.81 29.22
N LEU A 989 -12.06 13.79 29.65
CA LEU A 989 -12.96 14.96 29.70
C LEU A 989 -12.51 16.00 30.72
N ILE A 990 -11.89 15.55 31.84
CA ILE A 990 -11.34 16.42 32.89
C ILE A 990 -10.21 17.27 32.29
N VAL A 991 -9.35 16.64 31.46
CA VAL A 991 -8.24 17.29 30.75
C VAL A 991 -8.80 18.30 29.75
N ILE A 992 -9.70 17.85 28.85
CA ILE A 992 -10.36 18.69 27.86
C ILE A 992 -10.97 19.97 28.52
N SER A 993 -11.70 19.80 29.67
CA SER A 993 -12.39 20.86 30.44
C SER A 993 -11.55 21.58 31.49
N LYS A 994 -10.21 21.43 31.44
CA LYS A 994 -9.23 22.09 32.32
C LYS A 994 -9.48 21.87 33.83
N GLY A 995 -9.99 20.71 34.21
CA GLY A 995 -10.22 20.36 35.62
C GLY A 995 -11.60 20.62 36.21
N ALA A 996 -12.53 21.18 35.41
CA ALA A 996 -13.92 21.46 35.82
C ALA A 996 -14.68 20.17 36.16
N GLN A 997 -15.54 20.23 37.21
CA GLN A 997 -16.36 19.11 37.70
C GLN A 997 -17.41 18.65 36.67
N GLU A 998 -18.17 19.61 36.12
CA GLU A 998 -19.21 19.39 35.10
C GLU A 998 -18.52 19.44 33.73
N CYS A 999 -17.61 18.48 33.45
CA CYS A 999 -16.81 18.43 32.22
C CYS A 999 -17.65 18.27 30.94
N THR A 1000 -18.83 17.63 31.05
CA THR A 1000 -19.76 17.43 29.93
C THR A 1000 -20.46 18.75 29.51
N LYS A 1001 -20.75 19.64 30.48
CA LYS A 1001 -21.44 20.91 30.22
C LYS A 1001 -20.51 22.14 30.33
N THR A 1002 -19.47 22.19 29.46
CA THR A 1002 -18.49 23.29 29.37
C THR A 1002 -18.29 23.71 27.91
N ARG A 1003 -17.82 24.97 27.69
CA ARG A 1003 -17.56 25.47 26.34
C ARG A 1003 -16.38 24.74 25.69
N GLU A 1004 -15.46 24.23 26.52
CA GLU A 1004 -14.30 23.44 26.08
C GLU A 1004 -14.78 22.15 25.40
N PHE A 1005 -15.75 21.43 26.02
CA PHE A 1005 -16.27 20.18 25.47
C PHE A 1005 -17.08 20.42 24.20
N GLU A 1006 -17.82 21.55 24.15
CA GLU A 1006 -18.62 21.98 23.00
C GLU A 1006 -17.69 22.22 21.79
N ARG A 1007 -16.52 22.85 22.04
CA ARG A 1007 -15.49 23.12 21.03
C ARG A 1007 -14.86 21.83 20.56
N PHE A 1008 -14.67 20.86 21.49
CA PHE A 1008 -14.11 19.54 21.20
C PHE A 1008 -15.06 18.73 20.30
N GLN A 1009 -16.36 18.76 20.60
CA GLN A 1009 -17.39 18.09 19.80
C GLN A 1009 -17.36 18.64 18.38
N GLU A 1010 -17.27 19.99 18.25
CA GLU A 1010 -17.22 20.69 16.96
C GLU A 1010 -16.02 20.23 16.13
N MET A 1011 -14.87 19.97 16.78
CA MET A 1011 -13.66 19.45 16.14
C MET A 1011 -13.94 18.06 15.57
N CYS A 1012 -14.70 17.22 16.30
CA CYS A 1012 -15.07 15.86 15.89
C CYS A 1012 -16.01 15.87 14.69
N TYR A 1013 -17.05 16.71 14.74
CA TYR A 1013 -18.05 16.81 13.69
C TYR A 1013 -17.42 17.21 12.38
N LYS A 1014 -16.57 18.25 12.41
CA LYS A 1014 -15.86 18.75 11.23
C LYS A 1014 -14.91 17.68 10.67
N ALA A 1015 -14.16 16.97 11.56
CA ALA A 1015 -13.22 15.89 11.24
C ALA A 1015 -13.93 14.71 10.57
N TYR A 1016 -15.10 14.32 11.13
CA TYR A 1016 -15.95 13.24 10.64
C TYR A 1016 -16.48 13.51 9.23
N LEU A 1017 -16.98 14.74 9.02
CA LEU A 1017 -17.54 15.19 7.75
C LEU A 1017 -16.50 15.34 6.68
N ALA A 1018 -15.28 15.76 7.04
CA ALA A 1018 -14.16 15.91 6.11
C ALA A 1018 -13.76 14.56 5.48
N ILE A 1019 -13.70 13.49 6.29
CA ILE A 1019 -13.36 12.13 5.83
C ILE A 1019 -14.43 11.61 4.91
N ARG A 1020 -15.68 11.90 5.26
CA ARG A 1020 -16.89 11.59 4.49
C ARG A 1020 -16.74 12.14 3.05
N GLN A 1021 -16.21 13.38 2.90
CA GLN A 1021 -16.00 14.02 1.59
C GLN A 1021 -14.95 13.29 0.76
N HIS A 1022 -14.05 12.53 1.43
CA HIS A 1022 -12.96 11.78 0.79
C HIS A 1022 -13.12 10.27 0.90
N ALA A 1023 -14.38 9.79 1.03
CA ALA A 1023 -14.73 8.39 1.24
C ALA A 1023 -14.25 7.42 0.18
N ASN A 1024 -14.35 7.80 -1.10
CA ASN A 1024 -13.94 6.96 -2.24
C ASN A 1024 -12.50 6.56 -2.13
N LEU A 1025 -11.63 7.51 -1.77
CA LEU A 1025 -10.19 7.26 -1.57
C LEU A 1025 -9.98 6.14 -0.57
N PHE A 1026 -10.59 6.26 0.61
CA PHE A 1026 -10.49 5.28 1.68
C PHE A 1026 -11.06 3.92 1.29
N ILE A 1027 -12.20 3.90 0.59
CA ILE A 1027 -12.82 2.68 0.09
C ILE A 1027 -11.87 2.00 -0.92
N ASN A 1028 -11.27 2.80 -1.83
CA ASN A 1028 -10.31 2.31 -2.83
C ASN A 1028 -9.01 1.80 -2.21
N LEU A 1029 -8.51 2.47 -1.17
CA LEU A 1029 -7.29 2.04 -0.48
C LEU A 1029 -7.45 0.66 0.13
N PHE A 1030 -8.60 0.41 0.79
CA PHE A 1030 -8.98 -0.87 1.38
C PHE A 1030 -9.25 -1.93 0.33
N SER A 1031 -9.90 -1.56 -0.82
CA SER A 1031 -10.23 -2.49 -1.91
C SER A 1031 -8.98 -3.02 -2.61
N MET A 1032 -7.92 -2.18 -2.66
CA MET A 1032 -6.64 -2.54 -3.24
C MET A 1032 -5.88 -3.55 -2.36
N MET A 1033 -6.23 -3.62 -1.05
CA MET A 1033 -5.60 -4.53 -0.05
C MET A 1033 -6.34 -5.85 0.14
N LEU A 1034 -7.35 -6.15 -0.69
CA LEU A 1034 -8.19 -7.37 -0.58
C LEU A 1034 -7.48 -8.68 -0.91
N GLY A 1035 -6.51 -8.61 -1.83
CA GLY A 1035 -5.73 -9.75 -2.29
C GLY A 1035 -4.65 -10.13 -1.30
N SER A 1036 -4.38 -9.22 -0.36
CA SER A 1036 -3.45 -9.42 0.73
C SER A 1036 -4.12 -10.43 1.68
N GLY A 1037 -3.34 -11.22 2.39
CA GLY A 1037 -3.95 -12.21 3.28
C GLY A 1037 -4.38 -11.67 4.64
N MET A 1038 -4.94 -10.44 4.71
CA MET A 1038 -5.34 -9.86 6.00
C MET A 1038 -6.63 -10.46 6.54
N PRO A 1039 -6.62 -10.93 7.81
CA PRO A 1039 -7.81 -11.61 8.36
C PRO A 1039 -9.11 -10.80 8.43
N GLU A 1040 -9.01 -9.48 8.67
CA GLU A 1040 -10.19 -8.63 8.84
C GLU A 1040 -10.61 -7.88 7.58
N LEU A 1041 -9.94 -8.16 6.46
CA LEU A 1041 -10.17 -7.55 5.18
C LEU A 1041 -10.11 -8.68 4.14
N GLN A 1042 -11.20 -9.45 4.02
CA GLN A 1042 -11.33 -10.62 3.15
C GLN A 1042 -12.31 -10.42 2.01
N SER A 1043 -13.32 -9.54 2.20
CA SER A 1043 -14.35 -9.28 1.19
C SER A 1043 -14.81 -7.82 1.19
N PHE A 1044 -15.55 -7.42 0.14
CA PHE A 1044 -16.11 -6.08 0.04
C PHE A 1044 -17.11 -5.79 1.17
N ASP A 1045 -17.64 -6.86 1.82
CA ASP A 1045 -18.54 -6.80 2.98
C ASP A 1045 -17.81 -6.21 4.19
N ASP A 1046 -16.50 -6.53 4.35
CA ASP A 1046 -15.64 -5.98 5.41
C ASP A 1046 -15.42 -4.50 5.18
N ILE A 1047 -15.17 -4.07 3.91
CA ILE A 1047 -14.96 -2.66 3.57
C ILE A 1047 -16.25 -1.84 3.77
N ALA A 1048 -17.42 -2.46 3.50
CA ALA A 1048 -18.76 -1.89 3.69
C ALA A 1048 -19.00 -1.34 5.11
N TYR A 1049 -18.16 -1.72 6.08
CA TYR A 1049 -18.20 -1.23 7.45
C TYR A 1049 -17.95 0.29 7.43
N ILE A 1050 -17.01 0.73 6.57
CA ILE A 1050 -16.65 2.13 6.38
C ILE A 1050 -17.80 2.89 5.71
N ARG A 1051 -18.61 2.20 4.88
CA ARG A 1051 -19.80 2.76 4.25
C ARG A 1051 -20.89 2.99 5.31
N LYS A 1052 -20.90 2.17 6.40
CA LYS A 1052 -21.83 2.32 7.52
C LYS A 1052 -21.36 3.43 8.46
N THR A 1053 -20.07 3.41 8.88
CA THR A 1053 -19.56 4.45 9.79
C THR A 1053 -19.58 5.84 9.15
N LEU A 1054 -19.32 5.93 7.84
CA LEU A 1054 -19.37 7.23 7.17
C LEU A 1054 -20.79 7.64 6.78
N ALA A 1055 -21.79 6.74 6.96
CA ALA A 1055 -23.22 6.97 6.68
C ALA A 1055 -23.40 7.55 5.26
N LEU A 1056 -22.86 6.83 4.26
CA LEU A 1056 -22.84 7.24 2.87
C LEU A 1056 -24.22 7.21 2.16
N ASP A 1057 -25.17 6.37 2.62
CA ASP A 1057 -26.53 6.31 2.07
C ASP A 1057 -27.43 7.45 2.61
N LYS A 1058 -26.99 8.09 3.69
CA LYS A 1058 -27.70 9.19 4.36
C LYS A 1058 -27.24 10.53 3.79
N THR A 1059 -27.89 11.63 4.20
CA THR A 1059 -27.49 12.99 3.80
C THR A 1059 -26.39 13.42 4.79
N GLU A 1060 -25.74 14.57 4.54
CA GLU A 1060 -24.69 15.12 5.39
C GLU A 1060 -25.18 15.45 6.81
N GLN A 1061 -26.42 15.93 6.95
CA GLN A 1061 -27.00 16.25 8.25
C GLN A 1061 -27.36 14.95 9.00
N GLU A 1062 -28.00 13.99 8.28
CA GLU A 1062 -28.35 12.67 8.83
C GLU A 1062 -27.08 11.91 9.26
N ALA A 1063 -25.97 12.09 8.52
CA ALA A 1063 -24.67 11.49 8.82
C ALA A 1063 -24.07 12.04 10.11
N LEU A 1064 -24.24 13.37 10.35
CA LEU A 1064 -23.79 14.07 11.54
C LEU A 1064 -24.65 13.62 12.71
N GLU A 1065 -25.95 13.40 12.47
CA GLU A 1065 -26.92 12.97 13.47
C GLU A 1065 -26.60 11.55 13.93
N TYR A 1066 -26.26 10.65 12.97
CA TYR A 1066 -25.91 9.26 13.22
C TYR A 1066 -24.64 9.18 14.08
N PHE A 1067 -23.63 10.04 13.78
CA PHE A 1067 -22.35 10.11 14.50
C PHE A 1067 -22.58 10.50 15.96
N MET A 1068 -23.34 11.59 16.19
CA MET A 1068 -23.73 12.09 17.51
C MET A 1068 -24.41 10.99 18.33
N LYS A 1069 -25.36 10.23 17.71
CA LYS A 1069 -26.09 9.14 18.37
C LYS A 1069 -25.14 8.04 18.84
N GLN A 1070 -24.20 7.61 17.96
CA GLN A 1070 -23.21 6.58 18.26
C GLN A 1070 -22.38 6.99 19.49
N MET A 1071 -21.96 8.28 19.54
CA MET A 1071 -21.20 8.91 20.62
C MET A 1071 -22.00 9.01 21.89
N ASN A 1072 -23.29 9.39 21.78
CA ASN A 1072 -24.22 9.53 22.89
C ASN A 1072 -24.49 8.20 23.59
N ASP A 1073 -24.78 7.13 22.82
CA ASP A 1073 -25.03 5.79 23.35
C ASP A 1073 -23.83 5.24 24.12
N ALA A 1074 -22.60 5.35 23.53
CA ALA A 1074 -21.35 4.85 24.11
C ALA A 1074 -20.89 5.53 25.38
N HIS A 1075 -21.09 6.88 25.45
CA HIS A 1075 -20.71 7.76 26.56
C HIS A 1075 -21.85 7.95 27.58
N HIS A 1076 -23.03 7.33 27.32
CA HIS A 1076 -24.25 7.39 28.15
C HIS A 1076 -24.64 8.86 28.39
N GLY A 1077 -24.73 9.61 27.29
CA GLY A 1077 -25.06 11.03 27.27
C GLY A 1077 -23.91 11.91 26.82
N GLY A 1078 -24.20 13.20 26.68
CA GLY A 1078 -23.24 14.23 26.30
C GLY A 1078 -23.35 14.79 24.90
N TRP A 1079 -23.78 13.96 23.92
CA TRP A 1079 -23.87 14.33 22.51
C TRP A 1079 -25.31 14.23 22.00
C4 X3W B . 3.21 -2.10 21.69
C14 X3W B . 5.05 1.74 21.43
C6 X3W B . 2.02 -3.04 21.39
C11 X3W B . 3.76 0.16 20.64
C8 X3W B . 2.22 -1.54 19.70
C12 X3W B . 3.83 1.12 19.69
C3 X3W B . 4.93 -3.69 20.47
C1 X3W B . 4.85 -3.59 22.98
C2 X3W B . 4.58 -2.80 21.69
O7 X3W B . 1.75 -2.76 19.99
O9 X3W B . 1.90 -0.97 18.68
N10 X3W B . 3.08 -1.07 20.63
N13 X3W B . 4.60 2.14 20.17
N15 X3W B . 4.48 0.58 21.68
C16 X3W B . 5.89 2.49 22.41
C17 X3W B . 6.17 1.86 23.63
C18 X3W B . 6.88 2.52 24.63
C19 X3W B . 7.36 3.83 24.43
C20 X3W B . 7.04 4.48 23.23
C21 X3W B . 6.34 3.84 22.22
O22 X3W B . 6.13 4.53 21.08
C23 X3W B . 4.88 4.54 20.39
C24 X3W B . 4.93 3.35 19.45
N25 X3W B . 8.01 4.54 25.47
C26 X3W B . 8.87 5.73 25.18
C27 X3W B . 9.35 6.15 26.59
C28 X3W B . 9.51 4.82 27.36
C29 X3W B . 8.51 3.84 26.71
C31 X3W B . 7.35 3.54 27.63
O32 X3W B . 7.34 2.52 28.27
N33 X3W B . 6.28 4.37 27.67
H5 X3W B . 3.04 -1.61 22.65
H30 X3W B . 9.02 2.92 26.44
#